data_9F0A
#
_entry.id   9F0A
#
_cell.length_a   118.438
_cell.length_b   179.767
_cell.length_c   234.461
_cell.angle_alpha   90.00
_cell.angle_beta   90.00
_cell.angle_gamma   90.00
#
_symmetry.space_group_name_H-M   'I 2 2 2'
#
loop_
_entity.id
_entity.type
_entity.pdbx_description
1 polymer 'Lysine-specific histone demethylase 1A'
2 polymer 'REST corepressor 1'
3 non-polymer '[[(2~{S},3~{R},4~{S},5~{S})-5-(6-aminopurin-9-yl)-3,4-bis(oxidanyl)oxolan-2-yl]methoxy-oxidanyl-phosphoryl] [(2~{S},3~{S},4~{R})-5-[5-[3-[4-[[4-[[(2~{S})-3-(3,4-dihydro-1~{H}-isoquinolin-2-yl)-2-oxidanyl-propyl]carbamoyl]pyridin-2-yl]amino]phenyl]propanoyl]-7,8-dimethyl-2,4-bis(oxidanylidene)-4~{a}~{H}-benzo[g]pteridin-10-yl]-2,3,4-tris(oxidanyl)pentyl] hydrogen phosphate'
#
loop_
_entity_poly.entity_id
_entity_poly.type
_entity_poly.pdbx_seq_one_letter_code
_entity_poly.pdbx_strand_id
1 'polypeptide(L)'
;MDESLANLSEDEYYSEEERNAKAEKEKKLPPPPPQAPPEEENESEPEEPSGVEGAAFQSRLPHDRMTSQEAACFPDIISG
PQQTQKVFLFIRNRTLQLWLDNPKIQLTFEATLQQLEAPYNSDTVLVHRVHSYLERHGLINFGIYKRIKPLPTKKTGKVI
IIGSGVSGLAAARQLQSFGMDVTLLEARDRVGGRVATFRKGNYVADLGAMVVTGLGGNPMAVVSKQVNMELAKIKQKCPL
YEANGQAVPKEKDEMVEQEFNRLLEATSYLSHQLDFNVLNNKPVSLGQALEVVIQLQEKHVKDEQIEHWKKIVKTQEELK
ELLNKMVNLKEKIKELHQQYKEASEVKPPRDITAEFLVKSKHRDLTALCKEYDELAETQGKLEEKLQELEANPPSDVYLS
SRDRQILDWHFANLEFANATPLSTLSLKHWDQDDDFEFTGSHLTVRNGYSCVPVALAEGLDIKLNTAVRQVRYTASGCEV
IAVNTRSTSQTFIYKCDAVLCTLPLGVLKQQPPAVQFVPPLPEWKTSAVQRMGFGNLNKVVLCFDRVFWDPSVNLFGHVG
STTASRGELFLFWNLYKAPILLALVAGEAAGIMENISDDVIVGRCLAILKGIFGSSAVPQPKETVVSRWRADPWARGSYS
YVAAGSSGNDYDLMAQPITPGPSIPGAPQPIPRLFFAGEHTIRNYPATVHGALLSGLREAGRIADQFLGAMYTLPRQATP
GVPAQQSPSM
;
A
2 'polypeptide(L)'
;RAKRKPPKGMFLSQEDVEAVSANATAATTVLRQLDMELVSVKRQIQNIKQTNSALKEKLDGGIEPYRLPEVIQKCNARWT
TEEQLLAVQAIRKYGRDFQAISDVIGNKSVVQVKNFFVNYRRRFNIDEVLQEWEAEHGKEETNGPSNQKPVKSPDNSIKM
PEEEDEAPVLDVRYASAS
;
B
#
# COMPACT_ATOMS: atom_id res chain seq x y z
N PRO A 49 3.09 -18.36 -21.08
CA PRO A 49 3.86 -18.70 -22.29
C PRO A 49 3.69 -20.19 -22.75
N SER A 50 4.33 -20.54 -23.88
CA SER A 50 4.16 -21.85 -24.53
C SER A 50 5.38 -22.20 -25.38
N GLY A 51 5.64 -23.50 -25.49
CA GLY A 51 6.73 -24.04 -26.29
C GLY A 51 7.84 -24.62 -25.45
N VAL A 52 9.03 -24.73 -26.08
CA VAL A 52 10.24 -24.93 -25.30
C VAL A 52 10.37 -23.82 -24.27
N GLU A 53 10.02 -22.59 -24.66
CA GLU A 53 10.02 -21.45 -23.75
C GLU A 53 9.00 -21.60 -22.62
N GLY A 54 7.94 -22.37 -22.85
CA GLY A 54 6.93 -22.53 -21.82
C GLY A 54 7.46 -23.28 -20.62
N ALA A 55 8.25 -24.32 -20.86
CA ALA A 55 8.94 -25.02 -19.78
C ALA A 55 9.85 -24.09 -19.01
N ALA A 56 10.73 -23.38 -19.72
CA ALA A 56 11.67 -22.47 -19.07
C ALA A 56 10.95 -21.53 -18.09
N PHE A 57 9.80 -21.02 -18.49
CA PHE A 57 9.11 -20.14 -17.56
C PHE A 57 8.40 -20.94 -16.46
N GLN A 58 7.75 -22.06 -16.80
CA GLN A 58 7.12 -22.86 -15.77
C GLN A 58 8.15 -23.47 -14.81
N SER A 59 9.43 -23.44 -15.18
CA SER A 59 10.50 -23.89 -14.32
C SER A 59 11.24 -22.74 -13.64
N ARG A 60 10.78 -21.51 -13.84
CA ARG A 60 11.34 -20.32 -13.20
C ARG A 60 12.70 -19.93 -13.77
N LEU A 61 12.97 -20.20 -15.06
CA LEU A 61 14.23 -19.79 -15.67
C LEU A 61 14.02 -19.01 -16.96
N PRO A 62 14.81 -17.96 -17.20
CA PRO A 62 14.64 -17.15 -18.43
C PRO A 62 15.12 -17.90 -19.66
N HIS A 63 14.19 -18.22 -20.58
CA HIS A 63 14.44 -19.10 -21.72
C HIS A 63 15.54 -18.66 -22.69
N ASP A 64 16.11 -17.45 -22.50
CA ASP A 64 17.05 -16.92 -23.48
C ASP A 64 18.27 -16.28 -22.83
N ARG A 65 18.57 -16.64 -21.59
CA ARG A 65 19.77 -16.22 -20.87
C ARG A 65 20.27 -17.42 -20.06
N MET A 66 21.58 -17.55 -19.91
CA MET A 66 22.07 -18.53 -18.97
C MET A 66 22.00 -17.91 -17.57
N THR A 67 21.46 -18.68 -16.59
CA THR A 67 21.31 -18.19 -15.21
C THR A 67 22.65 -18.23 -14.50
N SER A 68 22.78 -17.41 -13.45
CA SER A 68 24.04 -17.37 -12.70
C SER A 68 24.49 -18.76 -12.22
N GLN A 69 23.53 -19.62 -11.86
CA GLN A 69 23.84 -21.00 -11.52
C GLN A 69 24.41 -21.78 -12.71
N GLU A 70 23.71 -21.76 -13.83
CA GLU A 70 24.19 -22.45 -15.02
C GLU A 70 25.54 -21.92 -15.49
N ALA A 71 25.83 -20.64 -15.25
CA ALA A 71 27.15 -20.15 -15.58
C ALA A 71 28.20 -20.88 -14.75
N ALA A 72 27.89 -21.16 -13.50
CA ALA A 72 28.90 -21.76 -12.65
C ALA A 72 29.13 -23.22 -12.98
N CYS A 73 28.13 -23.91 -13.52
CA CYS A 73 28.35 -25.28 -13.97
C CYS A 73 28.82 -25.37 -15.41
N PHE A 74 28.44 -24.44 -16.26
CA PHE A 74 28.82 -24.57 -17.66
C PHE A 74 29.69 -23.38 -18.06
N PRO A 75 30.71 -23.03 -17.28
CA PRO A 75 31.46 -21.79 -17.56
C PRO A 75 32.35 -21.90 -18.77
N ASP A 76 32.32 -23.02 -19.48
CA ASP A 76 32.87 -23.05 -20.82
C ASP A 76 31.88 -22.42 -21.79
N ILE A 77 30.60 -22.75 -21.65
CA ILE A 77 29.59 -22.34 -22.61
C ILE A 77 29.36 -20.82 -22.53
N ILE A 78 29.04 -20.32 -21.34
CA ILE A 78 28.70 -18.92 -21.15
C ILE A 78 29.85 -17.98 -21.45
N SER A 79 31.09 -18.45 -21.49
CA SER A 79 32.19 -17.54 -21.83
C SER A 79 32.51 -17.57 -23.31
N GLY A 80 31.89 -18.50 -24.04
CA GLY A 80 32.29 -18.81 -25.38
C GLY A 80 31.41 -18.11 -26.37
N PRO A 81 30.94 -18.87 -27.34
CA PRO A 81 30.32 -18.27 -28.52
C PRO A 81 28.81 -18.21 -28.38
N GLN A 82 28.20 -17.12 -28.86
CA GLN A 82 26.76 -16.94 -28.73
C GLN A 82 26.00 -18.13 -29.30
N GLN A 83 26.61 -18.81 -30.27
CA GLN A 83 26.00 -19.99 -30.86
C GLN A 83 25.80 -21.08 -29.81
N THR A 84 26.89 -21.47 -29.14
CA THR A 84 26.83 -22.59 -28.20
C THR A 84 25.88 -22.30 -27.04
N GLN A 85 25.85 -21.05 -26.55
CA GLN A 85 24.87 -20.68 -25.54
C GLN A 85 23.46 -20.99 -26.01
N LYS A 86 23.17 -20.73 -27.28
CA LYS A 86 21.82 -20.94 -27.75
C LYS A 86 21.53 -22.43 -27.93
N VAL A 87 22.53 -23.19 -28.40
CA VAL A 87 22.46 -24.64 -28.43
C VAL A 87 22.02 -25.11 -27.04
N PHE A 88 22.91 -24.89 -26.08
CA PHE A 88 22.67 -25.24 -24.67
C PHE A 88 21.29 -24.84 -24.21
N LEU A 89 20.96 -23.56 -24.40
CA LEU A 89 19.73 -23.00 -23.88
C LEU A 89 18.52 -23.74 -24.42
N PHE A 90 18.58 -24.25 -25.67
CA PHE A 90 17.50 -25.12 -26.16
C PHE A 90 17.50 -26.45 -25.41
N ILE A 91 18.68 -27.06 -25.26
CA ILE A 91 18.71 -28.39 -24.69
C ILE A 91 18.15 -28.36 -23.28
N ARG A 92 18.47 -27.30 -22.53
CA ARG A 92 17.91 -27.08 -21.20
C ARG A 92 16.40 -26.97 -21.26
N ASN A 93 15.90 -25.98 -22.03
CA ASN A 93 14.47 -25.77 -22.17
C ASN A 93 13.78 -27.04 -22.62
N ARG A 94 14.36 -27.69 -23.63
CA ARG A 94 13.74 -28.86 -24.22
C ARG A 94 13.54 -29.96 -23.17
N THR A 95 14.56 -30.18 -22.32
CA THR A 95 14.48 -31.26 -21.34
C THR A 95 13.50 -30.91 -20.23
N LEU A 96 13.59 -29.66 -19.74
CA LEU A 96 12.58 -29.15 -18.83
C LEU A 96 11.20 -29.44 -19.38
N GLN A 97 11.02 -29.23 -20.69
CA GLN A 97 9.72 -29.43 -21.32
C GLN A 97 9.28 -30.88 -21.22
N LEU A 98 10.20 -31.81 -21.43
CA LEU A 98 9.84 -33.21 -21.33
C LEU A 98 9.42 -33.59 -19.92
N TRP A 99 10.25 -33.24 -18.93
CA TRP A 99 9.92 -33.60 -17.57
C TRP A 99 8.56 -33.03 -17.18
N LEU A 100 8.34 -31.77 -17.54
CA LEU A 100 7.11 -31.09 -17.17
C LEU A 100 5.91 -31.76 -17.81
N ASP A 101 6.03 -32.15 -19.08
CA ASP A 101 4.91 -32.68 -19.86
C ASP A 101 4.52 -34.09 -19.42
N ASN A 102 5.37 -34.74 -18.62
CA ASN A 102 5.00 -36.00 -17.98
C ASN A 102 5.79 -36.09 -16.68
N PRO A 103 5.24 -35.57 -15.60
CA PRO A 103 5.95 -35.59 -14.32
C PRO A 103 5.65 -36.80 -13.45
N LYS A 104 5.01 -37.84 -13.97
CA LYS A 104 4.78 -38.99 -13.11
C LYS A 104 5.79 -40.12 -13.31
N ILE A 105 6.71 -40.00 -14.28
CA ILE A 105 7.79 -40.96 -14.46
C ILE A 105 9.10 -40.22 -14.61
N GLN A 106 10.17 -40.85 -14.12
CA GLN A 106 11.50 -40.27 -14.24
C GLN A 106 11.89 -40.04 -15.70
N LEU A 107 12.67 -38.99 -15.94
CA LEU A 107 13.20 -38.69 -17.26
C LEU A 107 14.67 -39.06 -17.30
N THR A 108 14.94 -40.31 -17.68
CA THR A 108 16.31 -40.79 -17.86
C THR A 108 17.02 -40.01 -18.94
N PHE A 109 18.34 -40.03 -18.89
CA PHE A 109 19.14 -39.37 -19.92
C PHE A 109 18.87 -39.98 -21.28
N GLU A 110 18.78 -41.31 -21.33
CA GLU A 110 18.49 -42.01 -22.58
C GLU A 110 17.19 -41.47 -23.19
N ALA A 111 16.13 -41.40 -22.36
CA ALA A 111 14.84 -40.91 -22.84
C ALA A 111 14.94 -39.52 -23.45
N THR A 112 15.85 -38.69 -22.94
CA THR A 112 15.95 -37.32 -23.41
C THR A 112 16.67 -37.23 -24.74
N LEU A 113 17.84 -37.85 -24.85
CA LEU A 113 18.58 -37.81 -26.09
C LEU A 113 17.78 -38.43 -27.22
N GLN A 114 16.97 -39.44 -26.90
CA GLN A 114 15.98 -39.99 -27.81
C GLN A 114 15.05 -38.99 -28.51
N GLN A 115 14.41 -38.12 -27.73
CA GLN A 115 13.42 -37.19 -28.26
C GLN A 115 14.11 -35.91 -28.68
N LEU A 116 15.40 -35.75 -28.44
CA LEU A 116 16.12 -34.67 -29.08
C LEU A 116 16.29 -34.92 -30.57
N GLU A 117 16.34 -33.83 -31.33
CA GLU A 117 16.57 -33.84 -32.78
C GLU A 117 17.77 -32.96 -33.09
N ALA A 118 18.57 -33.36 -34.08
CA ALA A 118 19.81 -32.67 -34.41
C ALA A 118 19.52 -31.24 -34.86
N PRO A 119 20.51 -30.33 -34.77
CA PRO A 119 21.92 -30.46 -34.36
C PRO A 119 22.12 -30.62 -32.85
N TYR A 120 21.02 -30.75 -32.09
CA TYR A 120 21.05 -30.74 -30.63
C TYR A 120 21.31 -32.12 -30.04
N ASN A 121 20.73 -33.19 -30.62
CA ASN A 121 21.11 -34.54 -30.26
C ASN A 121 22.26 -34.81 -31.22
N SER A 122 23.35 -34.05 -31.08
CA SER A 122 24.57 -34.29 -31.83
C SER A 122 25.61 -34.46 -30.72
N ASP A 123 25.86 -33.40 -29.95
CA ASP A 123 26.89 -33.42 -28.91
C ASP A 123 26.32 -34.14 -27.69
N THR A 124 26.71 -35.40 -27.51
CA THR A 124 26.06 -36.25 -26.51
C THR A 124 26.77 -36.21 -25.15
N VAL A 125 27.50 -35.14 -24.85
CA VAL A 125 27.83 -34.78 -23.48
C VAL A 125 27.22 -33.44 -23.08
N LEU A 126 27.18 -32.48 -24.01
CA LEU A 126 26.34 -31.30 -23.77
C LEU A 126 24.92 -31.71 -23.41
N VAL A 127 24.43 -32.81 -23.97
CA VAL A 127 23.14 -33.31 -23.51
C VAL A 127 23.28 -33.97 -22.16
N HIS A 128 24.35 -34.76 -21.96
CA HIS A 128 24.57 -35.39 -20.66
C HIS A 128 24.69 -34.35 -19.56
N ARG A 129 25.69 -33.47 -19.66
CA ARG A 129 25.92 -32.43 -18.66
C ARG A 129 24.62 -31.71 -18.30
N VAL A 130 23.90 -31.22 -19.32
CA VAL A 130 22.63 -30.54 -19.10
C VAL A 130 21.67 -31.42 -18.29
N HIS A 131 21.46 -32.66 -18.73
CA HIS A 131 20.51 -33.50 -18.02
C HIS A 131 20.88 -33.64 -16.55
N SER A 132 22.12 -34.00 -16.28
CA SER A 132 22.51 -34.29 -14.90
C SER A 132 22.36 -33.05 -14.02
N TYR A 133 22.82 -31.89 -14.49
CA TYR A 133 22.59 -30.63 -13.79
C TYR A 133 21.10 -30.46 -13.46
N LEU A 134 20.24 -30.62 -14.45
CA LEU A 134 18.81 -30.55 -14.23
C LEU A 134 18.37 -31.51 -13.13
N GLU A 135 18.77 -32.77 -13.25
CA GLU A 135 18.31 -33.80 -12.31
C GLU A 135 18.87 -33.56 -10.91
N ARG A 136 20.06 -32.97 -10.85
CA ARG A 136 20.74 -32.76 -9.58
C ARG A 136 20.02 -31.69 -8.77
N HIS A 137 19.75 -30.55 -9.38
CA HIS A 137 19.12 -29.48 -8.63
C HIS A 137 17.61 -29.48 -8.74
N GLY A 138 17.01 -30.66 -8.84
CA GLY A 138 15.56 -30.81 -8.81
C GLY A 138 14.79 -29.93 -9.78
N LEU A 139 15.31 -29.76 -10.99
CA LEU A 139 14.51 -29.13 -12.01
C LEU A 139 13.78 -30.18 -12.85
N ILE A 140 14.14 -31.46 -12.65
CA ILE A 140 13.51 -32.61 -13.27
C ILE A 140 13.67 -33.76 -12.29
N ASN A 141 12.79 -34.74 -12.40
CA ASN A 141 12.78 -35.90 -11.49
C ASN A 141 12.94 -35.45 -10.04
N PHE A 142 12.01 -34.59 -9.62
CA PHE A 142 11.77 -34.27 -8.23
C PHE A 142 10.31 -34.54 -7.90
N GLY A 143 10.04 -34.74 -6.63
CA GLY A 143 8.69 -35.04 -6.20
C GLY A 143 8.46 -36.53 -6.09
N ILE A 144 7.47 -37.04 -6.83
CA ILE A 144 7.05 -38.43 -6.73
C ILE A 144 6.93 -39.01 -8.13
N TYR A 145 7.96 -39.73 -8.58
CA TYR A 145 8.02 -40.33 -9.90
C TYR A 145 8.27 -41.82 -9.77
N LYS A 146 7.73 -42.61 -10.72
CA LYS A 146 8.22 -43.97 -10.92
C LYS A 146 9.64 -43.92 -11.47
N ARG A 147 10.55 -44.59 -10.76
CA ARG A 147 11.96 -44.57 -11.11
C ARG A 147 12.17 -45.63 -12.17
N ILE A 148 12.64 -45.24 -13.35
CA ILE A 148 12.93 -46.25 -14.37
C ILE A 148 14.15 -47.08 -13.98
N LYS A 149 15.24 -46.40 -13.54
CA LYS A 149 16.43 -47.06 -12.99
C LYS A 149 16.27 -47.22 -11.49
N PRO A 150 15.88 -48.40 -10.97
CA PRO A 150 15.62 -48.51 -9.53
C PRO A 150 16.90 -48.25 -8.73
N LEU A 151 16.68 -47.98 -7.44
CA LEU A 151 17.65 -47.26 -6.63
C LEU A 151 19.02 -47.93 -6.67
N PRO A 152 20.10 -47.14 -6.51
CA PRO A 152 21.44 -47.72 -6.40
C PRO A 152 21.55 -48.88 -5.42
N THR A 153 22.53 -49.75 -5.68
CA THR A 153 22.72 -50.96 -4.89
C THR A 153 23.15 -50.63 -3.46
N LYS A 154 24.12 -49.72 -3.32
CA LYS A 154 24.71 -49.40 -2.04
C LYS A 154 24.75 -47.90 -1.85
N LYS A 155 24.36 -47.48 -0.65
CA LYS A 155 24.29 -46.09 -0.30
C LYS A 155 25.70 -45.50 -0.17
N THR A 156 25.79 -44.19 -0.30
CA THR A 156 27.07 -43.50 -0.24
C THR A 156 26.87 -42.28 0.64
N GLY A 157 27.62 -42.15 1.72
CA GLY A 157 27.49 -41.01 2.62
C GLY A 157 26.24 -41.03 3.49
N LYS A 158 26.29 -40.39 4.66
CA LYS A 158 25.16 -40.40 5.59
C LYS A 158 24.76 -38.97 5.95
N VAL A 159 23.47 -38.66 5.75
CA VAL A 159 22.86 -37.36 5.99
C VAL A 159 21.72 -37.52 6.97
N ILE A 160 21.82 -36.82 8.10
CA ILE A 160 20.70 -36.64 9.02
C ILE A 160 20.03 -35.31 8.71
N ILE A 161 18.70 -35.37 8.60
CA ILE A 161 17.83 -34.23 8.29
C ILE A 161 16.94 -33.93 9.50
N ILE A 162 17.07 -32.72 10.05
CA ILE A 162 16.30 -32.31 11.21
C ILE A 162 15.05 -31.62 10.68
N GLY A 163 13.90 -32.27 10.88
CA GLY A 163 12.59 -31.76 10.51
C GLY A 163 12.03 -32.51 9.33
N SER A 164 10.85 -33.11 9.45
CA SER A 164 10.16 -33.67 8.28
C SER A 164 9.09 -32.70 7.76
N GLY A 165 9.23 -31.42 8.05
CA GLY A 165 8.51 -30.42 7.30
C GLY A 165 8.85 -30.48 5.82
N VAL A 166 8.15 -29.65 5.06
CA VAL A 166 8.10 -29.86 3.63
C VAL A 166 9.51 -29.81 3.05
N SER A 167 10.30 -28.82 3.46
CA SER A 167 11.65 -28.70 2.95
C SER A 167 12.45 -29.95 3.28
N GLY A 168 12.31 -30.43 4.54
CA GLY A 168 12.95 -31.67 4.93
C GLY A 168 12.66 -32.78 3.95
N LEU A 169 11.39 -33.20 3.91
CA LEU A 169 10.92 -34.25 3.01
C LEU A 169 11.44 -34.06 1.58
N ALA A 170 11.48 -32.82 1.12
CA ALA A 170 11.80 -32.60 -0.27
C ALA A 170 13.26 -32.86 -0.54
N ALA A 171 14.12 -32.51 0.42
CA ALA A 171 15.52 -32.81 0.26
C ALA A 171 15.79 -34.28 0.56
N ALA A 172 15.15 -34.83 1.60
CA ALA A 172 15.30 -36.25 1.90
C ALA A 172 15.00 -37.09 0.65
N ARG A 173 13.84 -36.88 0.03
CA ARG A 173 13.55 -37.54 -1.23
C ARG A 173 14.65 -37.34 -2.26
N GLN A 174 15.11 -36.10 -2.46
CA GLN A 174 16.13 -35.85 -3.47
C GLN A 174 17.47 -36.50 -3.12
N LEU A 175 17.84 -36.53 -1.83
CA LEU A 175 19.09 -37.16 -1.44
C LEU A 175 19.01 -38.68 -1.61
N GLN A 176 18.02 -39.32 -0.96
CA GLN A 176 17.77 -40.73 -1.25
C GLN A 176 17.55 -40.99 -2.73
N SER A 177 16.98 -40.02 -3.46
CA SER A 177 16.88 -40.14 -4.93
C SER A 177 18.24 -40.30 -5.56
N PHE A 178 19.27 -39.75 -4.92
CA PHE A 178 20.62 -39.73 -5.46
C PHE A 178 21.47 -40.87 -4.92
N GLY A 179 20.85 -41.81 -4.22
CA GLY A 179 21.54 -42.85 -3.47
C GLY A 179 22.32 -42.60 -2.19
N MET A 180 21.83 -41.72 -1.32
CA MET A 180 22.39 -41.57 0.01
C MET A 180 21.60 -42.12 1.17
N ASP A 181 22.29 -42.31 2.30
CA ASP A 181 21.62 -42.79 3.49
C ASP A 181 21.01 -41.56 4.16
N VAL A 182 19.72 -41.36 3.94
CA VAL A 182 19.03 -40.23 4.53
C VAL A 182 18.11 -40.73 5.61
N THR A 183 18.18 -40.08 6.76
CA THR A 183 17.25 -40.31 7.85
C THR A 183 16.85 -38.97 8.45
N LEU A 184 15.54 -38.80 8.65
CA LEU A 184 14.92 -37.57 9.13
C LEU A 184 14.45 -37.72 10.57
N LEU A 185 14.69 -36.68 11.36
CA LEU A 185 14.37 -36.62 12.79
C LEU A 185 13.31 -35.58 13.02
N GLU A 186 12.17 -36.00 13.56
CA GLU A 186 10.96 -35.19 13.70
C GLU A 186 10.52 -35.16 15.16
N ALA A 187 10.41 -33.96 15.73
CA ALA A 187 9.93 -33.87 17.11
C ALA A 187 8.44 -34.22 17.23
N ARG A 188 7.70 -34.19 16.14
CA ARG A 188 6.25 -34.34 16.15
C ARG A 188 5.87 -35.80 15.93
N ASP A 189 4.58 -36.10 16.15
CA ASP A 189 4.02 -37.40 15.80
C ASP A 189 3.46 -37.43 14.41
N ARG A 190 3.84 -36.48 13.56
CA ARG A 190 3.36 -36.37 12.19
C ARG A 190 4.40 -35.65 11.36
N VAL A 191 4.29 -35.86 10.05
CA VAL A 191 5.17 -35.14 9.12
C VAL A 191 4.45 -33.87 8.72
N GLY A 192 5.09 -33.02 7.95
CA GLY A 192 4.45 -31.83 7.40
C GLY A 192 4.76 -30.54 8.11
N GLY A 193 4.92 -30.59 9.43
CA GLY A 193 5.19 -29.37 10.17
C GLY A 193 4.06 -28.37 10.02
N ARG A 194 4.43 -27.13 9.67
CA ARG A 194 3.48 -26.03 9.42
C ARG A 194 2.31 -26.36 8.49
N VAL A 195 2.44 -27.41 7.68
CA VAL A 195 1.34 -28.01 6.94
C VAL A 195 0.51 -29.00 7.72
N ALA A 196 -0.38 -28.48 8.55
CA ALA A 196 -1.19 -29.28 9.46
C ALA A 196 -2.59 -29.39 8.90
N THR A 197 -3.09 -30.60 8.70
CA THR A 197 -4.50 -30.80 8.40
C THR A 197 -5.22 -31.42 9.58
N PHE A 198 -6.37 -30.84 9.93
CA PHE A 198 -7.27 -31.40 10.92
C PHE A 198 -8.26 -32.32 10.24
N ARG A 199 -8.45 -33.52 10.79
CA ARG A 199 -9.38 -34.49 10.23
C ARG A 199 -10.12 -35.13 11.39
N LYS A 200 -11.45 -35.06 11.36
CA LYS A 200 -12.34 -35.77 12.26
C LYS A 200 -13.61 -36.06 11.47
N GLY A 201 -14.07 -37.30 11.49
CA GLY A 201 -15.10 -37.76 10.57
C GLY A 201 -14.89 -37.29 9.14
N ASN A 202 -15.88 -36.55 8.62
CA ASN A 202 -15.87 -36.00 7.28
C ASN A 202 -15.30 -34.60 7.25
N TYR A 203 -14.97 -34.03 8.41
CA TYR A 203 -14.43 -32.68 8.49
C TYR A 203 -12.96 -32.68 8.09
N VAL A 204 -12.55 -31.63 7.37
CA VAL A 204 -11.19 -31.46 6.88
C VAL A 204 -10.90 -29.97 6.86
N ALA A 205 -9.79 -29.55 7.49
CA ALA A 205 -9.46 -28.12 7.56
C ALA A 205 -7.98 -27.92 7.90
N ASP A 206 -7.22 -27.24 7.02
CA ASP A 206 -5.81 -26.93 7.34
C ASP A 206 -5.73 -25.83 8.39
N LEU A 207 -5.10 -26.12 9.50
CA LEU A 207 -4.56 -25.10 10.39
C LEU A 207 -3.26 -24.50 9.87
N GLY A 208 -2.79 -24.98 8.71
CA GLY A 208 -1.45 -24.72 8.23
C GLY A 208 -1.48 -23.91 6.98
N ALA A 209 -0.60 -24.18 6.03
CA ALA A 209 -0.78 -23.61 4.70
C ALA A 209 -2.06 -24.15 4.08
N MET A 210 -2.71 -23.26 3.31
CA MET A 210 -4.03 -23.56 2.70
C MET A 210 -3.99 -23.14 1.24
N VAL A 211 -3.74 -21.86 0.99
CA VAL A 211 -3.68 -21.34 -0.38
C VAL A 211 -2.53 -21.98 -1.17
N VAL A 212 -2.66 -21.96 -2.50
CA VAL A 212 -1.58 -22.30 -3.44
C VAL A 212 -1.50 -21.13 -4.43
N THR A 213 -0.56 -20.21 -4.22
CA THR A 213 -0.41 -19.14 -5.21
C THR A 213 -0.25 -19.78 -6.57
N GLY A 214 -0.73 -19.09 -7.61
CA GLY A 214 -1.21 -19.76 -8.81
C GLY A 214 -0.15 -20.60 -9.48
N LEU A 215 -0.61 -21.59 -10.25
CA LEU A 215 0.31 -22.60 -10.83
C LEU A 215 0.88 -21.94 -12.07
N GLY A 216 1.58 -20.85 -11.89
CA GLY A 216 2.11 -20.14 -13.05
C GLY A 216 3.54 -20.22 -12.57
N GLY A 217 4.30 -21.14 -13.10
CA GLY A 217 5.67 -21.29 -12.57
C GLY A 217 5.84 -21.85 -11.20
N ASN A 218 4.81 -22.51 -10.73
CA ASN A 218 4.85 -23.04 -9.39
C ASN A 218 5.36 -24.48 -9.43
N PRO A 219 6.41 -24.82 -8.67
CA PRO A 219 6.78 -26.23 -8.55
C PRO A 219 5.66 -27.05 -7.98
N MET A 220 4.74 -26.43 -7.25
CA MET A 220 3.60 -27.16 -6.70
C MET A 220 2.70 -27.67 -7.80
N ALA A 221 2.66 -26.97 -8.94
CA ALA A 221 1.96 -27.46 -10.12
C ALA A 221 2.40 -28.89 -10.48
N VAL A 222 3.72 -29.10 -10.58
CA VAL A 222 4.29 -30.43 -10.83
C VAL A 222 3.82 -31.43 -9.77
N VAL A 223 3.86 -31.02 -8.51
CA VAL A 223 3.49 -31.92 -7.43
C VAL A 223 2.04 -32.35 -7.55
N SER A 224 1.17 -31.41 -7.95
CA SER A 224 -0.26 -31.65 -7.92
C SER A 224 -0.70 -32.62 -9.01
N LYS A 225 0.08 -32.69 -10.09
CA LYS A 225 -0.09 -33.75 -11.06
C LYS A 225 0.36 -35.09 -10.47
N GLN A 226 1.39 -35.05 -9.61
CA GLN A 226 1.96 -36.25 -9.02
C GLN A 226 1.15 -36.76 -7.84
N VAL A 227 0.44 -35.87 -7.15
CA VAL A 227 -0.36 -36.22 -6.00
C VAL A 227 -1.79 -35.78 -6.26
N ASN A 228 -2.75 -36.63 -5.94
CA ASN A 228 -4.13 -36.28 -6.23
C ASN A 228 -4.59 -35.26 -5.19
N MET A 229 -4.41 -33.99 -5.53
CA MET A 229 -4.98 -32.92 -4.73
C MET A 229 -6.21 -32.39 -5.43
N GLU A 230 -7.11 -31.85 -4.63
CA GLU A 230 -8.35 -31.25 -5.10
C GLU A 230 -8.12 -29.74 -5.03
N LEU A 231 -7.65 -29.16 -6.15
CA LEU A 231 -7.40 -27.73 -6.24
C LEU A 231 -8.64 -26.98 -6.73
N ALA A 232 -9.34 -26.30 -5.81
CA ALA A 232 -10.44 -25.39 -6.11
C ALA A 232 -9.90 -23.95 -6.15
N LYS A 233 -10.55 -23.10 -6.94
CA LYS A 233 -10.09 -21.72 -6.97
C LYS A 233 -10.69 -20.91 -5.81
N ILE A 234 -10.05 -19.78 -5.55
CA ILE A 234 -10.50 -18.84 -4.53
C ILE A 234 -11.29 -17.77 -5.27
N LYS A 235 -12.60 -17.74 -5.04
CA LYS A 235 -13.47 -16.72 -5.62
C LYS A 235 -13.29 -15.46 -4.77
N GLN A 236 -12.67 -14.44 -5.38
CA GLN A 236 -12.04 -13.34 -4.66
C GLN A 236 -13.03 -12.41 -3.94
N LYS A 237 -14.34 -12.61 -4.11
CA LYS A 237 -15.31 -11.62 -3.63
C LYS A 237 -15.47 -11.70 -2.12
N CYS A 238 -15.28 -10.57 -1.45
CA CYS A 238 -15.29 -10.51 0.02
C CYS A 238 -16.16 -9.37 0.53
N PRO A 239 -17.36 -9.67 1.01
CA PRO A 239 -18.21 -8.63 1.64
C PRO A 239 -17.81 -8.36 3.09
N LEU A 240 -17.78 -7.08 3.45
CA LEU A 240 -17.40 -6.66 4.79
C LEU A 240 -18.63 -6.33 5.64
N TYR A 241 -18.51 -6.43 6.95
CA TYR A 241 -19.67 -6.40 7.84
C TYR A 241 -19.20 -5.72 9.11
N GLU A 242 -19.63 -4.49 9.34
CA GLU A 242 -19.21 -3.78 10.56
C GLU A 242 -19.79 -4.41 11.83
N ALA A 243 -19.29 -3.98 12.98
CA ALA A 243 -19.72 -4.60 14.23
C ALA A 243 -21.23 -4.64 14.48
N ASN A 244 -22.01 -3.90 13.71
CA ASN A 244 -23.46 -3.99 13.79
C ASN A 244 -23.97 -5.38 13.39
N GLY A 245 -23.69 -5.78 12.14
CA GLY A 245 -24.19 -6.99 11.53
C GLY A 245 -24.60 -6.80 10.08
N GLN A 246 -24.39 -5.60 9.53
CA GLN A 246 -24.85 -5.24 8.19
C GLN A 246 -23.69 -4.91 7.25
N ALA A 247 -23.89 -5.25 5.99
CA ALA A 247 -22.85 -5.10 4.98
C ALA A 247 -22.45 -3.64 4.76
N VAL A 248 -21.17 -3.46 4.45
CA VAL A 248 -20.69 -2.15 4.03
C VAL A 248 -21.10 -2.01 2.57
N PRO A 249 -21.82 -0.95 2.21
CA PRO A 249 -22.39 -0.85 0.85
C PRO A 249 -21.32 -0.61 -0.20
N LYS A 250 -21.50 -1.22 -1.36
CA LYS A 250 -20.47 -1.07 -2.40
C LYS A 250 -19.87 0.31 -2.20
N GLU A 251 -20.74 1.31 -2.26
CA GLU A 251 -20.23 2.66 -2.12
C GLU A 251 -18.96 2.95 -1.34
N LYS A 252 -18.99 2.49 -0.09
CA LYS A 252 -17.84 2.58 0.81
C LYS A 252 -16.80 1.52 0.47
N ASP A 253 -17.22 0.24 0.48
CA ASP A 253 -16.39 -0.93 0.25
C ASP A 253 -15.30 -0.63 -0.75
N GLU A 254 -15.67 0.10 -1.80
CA GLU A 254 -14.76 0.38 -2.89
C GLU A 254 -13.98 1.67 -2.70
N MET A 255 -14.58 2.67 -2.06
CA MET A 255 -13.82 3.91 -1.84
C MET A 255 -12.89 3.81 -0.65
N VAL A 256 -13.17 2.94 0.31
CA VAL A 256 -12.20 2.63 1.36
C VAL A 256 -11.04 1.87 0.73
N GLU A 257 -11.36 0.67 0.24
CA GLU A 257 -10.39 -0.19 -0.46
C GLU A 257 -9.46 0.59 -1.38
N GLN A 258 -10.01 1.40 -2.28
CA GLN A 258 -9.10 2.10 -3.19
C GLN A 258 -8.22 3.07 -2.43
N GLU A 259 -8.76 3.72 -1.40
CA GLU A 259 -7.91 4.60 -0.60
C GLU A 259 -6.79 3.80 0.05
N PHE A 260 -7.10 2.59 0.54
CA PHE A 260 -6.09 1.66 1.06
C PHE A 260 -4.98 1.23 0.11
N ASN A 261 -5.33 0.94 -1.15
CA ASN A 261 -4.33 0.58 -2.15
C ASN A 261 -3.57 1.87 -2.46
N ARG A 262 -4.26 2.99 -2.37
CA ARG A 262 -3.64 4.29 -2.67
C ARG A 262 -2.62 4.65 -1.60
N LEU A 263 -3.00 4.47 -0.32
CA LEU A 263 -2.06 4.69 0.77
C LEU A 263 -0.80 3.85 0.60
N LEU A 264 -0.96 2.58 0.20
CA LEU A 264 0.18 1.68 0.06
C LEU A 264 1.21 2.27 -0.89
N GLU A 265 0.81 2.48 -2.16
CA GLU A 265 1.71 3.09 -3.14
C GLU A 265 2.38 4.33 -2.57
N ALA A 266 1.61 5.14 -1.83
CA ALA A 266 2.16 6.36 -1.25
C ALA A 266 3.36 6.06 -0.37
N THR A 267 3.31 4.96 0.40
CA THR A 267 4.44 4.54 1.21
C THR A 267 5.60 4.15 0.32
N SER A 268 5.32 3.36 -0.72
CA SER A 268 6.34 2.96 -1.68
C SER A 268 7.00 4.17 -2.31
N TYR A 269 6.24 5.24 -2.53
CA TYR A 269 6.80 6.49 -2.99
C TYR A 269 7.65 7.13 -1.89
N LEU A 270 7.15 7.15 -0.65
CA LEU A 270 7.99 7.56 0.48
C LEU A 270 9.29 6.81 0.51
N SER A 271 9.22 5.49 0.29
CA SER A 271 10.41 4.67 0.42
C SER A 271 11.37 4.95 -0.72
N HIS A 272 10.91 4.75 -1.98
CA HIS A 272 11.87 4.70 -3.08
C HIS A 272 12.12 6.06 -3.72
N GLN A 273 11.14 6.97 -3.69
CA GLN A 273 11.24 8.23 -4.43
C GLN A 273 11.79 9.37 -3.58
N LEU A 274 11.54 9.33 -2.26
CA LEU A 274 11.97 10.35 -1.30
C LEU A 274 13.04 9.89 -0.30
N ASP A 275 13.31 8.57 -0.22
CA ASP A 275 14.24 7.96 0.76
C ASP A 275 13.88 8.32 2.21
N PHE A 276 12.60 8.20 2.54
CA PHE A 276 12.12 8.16 3.93
C PHE A 276 12.42 6.76 4.46
N ASN A 277 13.63 6.55 4.97
CA ASN A 277 13.96 5.19 5.36
C ASN A 277 14.66 5.07 6.71
N VAL A 278 14.98 6.16 7.39
CA VAL A 278 15.49 6.14 8.75
C VAL A 278 14.86 7.29 9.56
N LEU A 279 14.40 6.99 10.77
CA LEU A 279 13.69 7.98 11.60
C LEU A 279 14.30 7.99 13.00
N ASN A 280 15.26 8.88 13.21
CA ASN A 280 16.03 8.94 14.46
C ASN A 280 16.74 7.60 14.67
N ASN A 281 17.63 7.30 13.72
CA ASN A 281 18.57 6.18 13.75
C ASN A 281 17.83 5.02 14.42
N LYS A 282 16.57 4.67 13.94
CA LYS A 282 15.94 3.38 13.70
C LYS A 282 15.42 3.29 12.26
N PRO A 283 15.31 2.09 11.67
CA PRO A 283 14.70 1.99 10.34
C PRO A 283 13.21 2.20 10.40
N VAL A 284 12.64 2.42 9.24
CA VAL A 284 11.24 2.81 9.10
C VAL A 284 10.42 1.58 8.81
N SER A 285 9.32 1.42 9.55
CA SER A 285 8.43 0.31 9.26
C SER A 285 7.39 0.72 8.22
N LEU A 286 6.67 -0.27 7.71
CA LEU A 286 5.55 0.02 6.83
C LEU A 286 4.46 0.77 7.58
N GLY A 287 4.02 0.21 8.71
CA GLY A 287 3.04 0.90 9.54
C GLY A 287 3.44 2.31 9.95
N GLN A 288 4.74 2.57 10.13
CA GLN A 288 5.18 3.94 10.36
C GLN A 288 4.80 4.84 9.19
N ALA A 289 5.37 4.53 8.02
CA ALA A 289 5.10 5.31 6.83
C ALA A 289 3.60 5.36 6.52
N LEU A 290 2.89 4.27 6.74
CA LEU A 290 1.44 4.31 6.53
C LEU A 290 0.73 5.27 7.45
N GLU A 291 1.43 5.93 8.35
CA GLU A 291 0.72 6.94 9.12
C GLU A 291 1.21 8.33 8.82
N VAL A 292 2.51 8.49 8.60
CA VAL A 292 3.01 9.72 8.02
C VAL A 292 2.43 9.95 6.64
N VAL A 293 1.87 8.93 5.99
CA VAL A 293 1.07 9.19 4.81
C VAL A 293 -0.38 9.52 5.16
N ILE A 294 -0.97 8.78 6.09
CA ILE A 294 -2.31 9.17 6.51
C ILE A 294 -2.34 10.53 7.19
N GLN A 295 -1.26 10.92 7.85
CA GLN A 295 -1.28 12.23 8.49
C GLN A 295 -1.16 13.35 7.46
N LEU A 296 -0.21 13.24 6.55
CA LEU A 296 -0.09 14.20 5.46
C LEU A 296 -1.36 14.32 4.65
N GLN A 297 -2.23 13.31 4.67
CA GLN A 297 -3.52 13.47 4.01
C GLN A 297 -4.47 14.28 4.88
N GLU A 298 -4.78 13.82 6.10
CA GLU A 298 -5.51 14.64 7.06
C GLU A 298 -4.98 16.07 7.14
N LYS A 299 -3.66 16.25 6.98
CA LYS A 299 -3.09 17.59 7.03
C LYS A 299 -3.54 18.39 5.83
N HIS A 300 -3.36 17.86 4.63
CA HIS A 300 -3.72 18.62 3.44
C HIS A 300 -5.24 18.84 3.34
N VAL A 301 -6.07 17.93 3.88
CA VAL A 301 -7.50 18.24 4.03
C VAL A 301 -7.71 19.53 4.81
N LYS A 302 -6.83 19.82 5.76
CA LYS A 302 -6.94 21.05 6.53
C LYS A 302 -6.32 22.24 5.78
N ASP A 303 -5.11 22.10 5.25
CA ASP A 303 -4.55 23.17 4.42
C ASP A 303 -5.55 23.64 3.36
N GLU A 304 -6.46 22.76 2.95
CA GLU A 304 -7.35 23.10 1.85
C GLU A 304 -8.66 23.69 2.35
N GLN A 305 -9.24 23.15 3.40
CA GLN A 305 -10.28 23.92 4.08
C GLN A 305 -9.80 25.33 4.39
N ILE A 306 -8.56 25.46 4.88
CA ILE A 306 -8.07 26.76 5.28
C ILE A 306 -7.96 27.71 4.09
N GLU A 307 -7.24 27.32 3.04
CA GLU A 307 -7.13 28.28 1.95
C GLU A 307 -8.40 28.40 1.10
N HIS A 308 -9.53 27.84 1.52
CA HIS A 308 -10.81 28.13 0.89
C HIS A 308 -11.64 29.08 1.73
N TRP A 309 -11.83 28.79 3.02
CA TRP A 309 -12.39 29.83 3.87
C TRP A 309 -11.51 31.09 3.86
N LYS A 310 -10.26 30.99 3.42
CA LYS A 310 -9.42 32.17 3.26
C LYS A 310 -9.69 32.90 1.94
N LYS A 311 -10.17 32.19 0.92
CA LYS A 311 -10.76 32.86 -0.24
C LYS A 311 -12.01 33.64 0.16
N ILE A 312 -12.88 33.06 0.98
CA ILE A 312 -14.09 33.80 1.37
C ILE A 312 -13.74 35.10 2.07
N VAL A 313 -12.92 35.07 3.12
CA VAL A 313 -12.62 36.33 3.79
C VAL A 313 -12.03 37.36 2.82
N LYS A 314 -11.05 36.96 2.00
CA LYS A 314 -10.38 37.97 1.18
C LYS A 314 -11.34 38.66 0.23
N THR A 315 -12.49 38.05 -0.05
CA THR A 315 -13.52 38.70 -0.85
C THR A 315 -14.62 39.32 0.02
N GLN A 316 -15.15 38.60 1.01
CA GLN A 316 -16.04 39.24 1.97
C GLN A 316 -15.46 40.51 2.60
N GLU A 317 -14.15 40.67 2.62
CA GLU A 317 -13.58 41.91 3.11
C GLU A 317 -13.41 42.94 1.99
N GLU A 318 -13.51 42.53 0.72
CA GLU A 318 -13.68 43.50 -0.36
C GLU A 318 -15.08 44.10 -0.30
N LEU A 319 -16.07 43.27 0.03
CA LEU A 319 -17.42 43.77 0.22
C LEU A 319 -17.49 44.76 1.38
N LYS A 320 -16.75 44.51 2.46
CA LYS A 320 -16.71 45.46 3.56
C LYS A 320 -16.16 46.81 3.12
N GLU A 321 -15.26 46.84 2.15
CA GLU A 321 -14.77 48.13 1.72
C GLU A 321 -15.53 48.70 0.53
N LEU A 322 -16.41 47.92 -0.06
CA LEU A 322 -17.31 48.49 -1.03
C LEU A 322 -18.58 48.99 -0.38
N LEU A 323 -19.07 48.28 0.65
CA LEU A 323 -20.22 48.80 1.36
C LEU A 323 -19.89 50.10 2.09
N ASN A 324 -18.67 50.23 2.62
CA ASN A 324 -18.31 51.50 3.25
C ASN A 324 -18.19 52.61 2.22
N LYS A 325 -17.58 52.32 1.06
CA LYS A 325 -17.54 53.34 0.02
C LYS A 325 -18.93 53.69 -0.49
N MET A 326 -19.85 52.73 -0.49
CA MET A 326 -21.20 53.02 -0.94
C MET A 326 -21.96 53.86 0.08
N VAL A 327 -21.87 53.53 1.37
CA VAL A 327 -22.67 54.29 2.31
C VAL A 327 -22.19 55.74 2.39
N ASN A 328 -20.89 56.00 2.17
CA ASN A 328 -20.42 57.38 2.18
C ASN A 328 -20.61 58.08 0.85
N LEU A 329 -21.23 57.41 -0.11
CA LEU A 329 -21.72 58.09 -1.30
C LEU A 329 -23.21 58.40 -1.17
N LYS A 330 -24.00 57.46 -0.63
CA LYS A 330 -25.34 57.78 -0.19
C LYS A 330 -25.36 58.89 0.85
N GLU A 331 -24.23 59.21 1.48
CA GLU A 331 -24.28 60.39 2.34
C GLU A 331 -24.01 61.66 1.56
N LYS A 332 -23.03 61.65 0.67
CA LYS A 332 -22.83 62.79 -0.22
C LYS A 332 -24.05 63.03 -1.09
N ILE A 333 -24.72 61.96 -1.52
CA ILE A 333 -25.86 62.15 -2.42
C ILE A 333 -27.08 62.64 -1.65
N LYS A 334 -27.32 62.11 -0.46
CA LYS A 334 -28.40 62.58 0.41
C LYS A 334 -28.34 64.09 0.62
N GLU A 335 -27.14 64.66 0.57
CA GLU A 335 -26.86 66.04 0.89
C GLU A 335 -26.79 66.94 -0.33
N LEU A 336 -26.19 66.47 -1.43
CA LEU A 336 -26.30 67.24 -2.67
C LEU A 336 -27.74 67.45 -3.07
N HIS A 337 -28.54 66.40 -2.99
CA HIS A 337 -29.94 66.52 -3.37
C HIS A 337 -30.64 67.63 -2.58
N GLN A 338 -30.39 67.67 -1.27
CA GLN A 338 -30.89 68.77 -0.44
C GLN A 338 -30.39 70.12 -0.95
N GLN A 339 -29.09 70.23 -1.24
CA GLN A 339 -28.56 71.47 -1.81
C GLN A 339 -29.23 71.81 -3.13
N TYR A 340 -29.31 70.85 -4.05
CA TYR A 340 -29.92 71.12 -5.34
C TYR A 340 -31.38 71.51 -5.18
N LYS A 341 -32.10 70.87 -4.27
CA LYS A 341 -33.47 71.33 -4.01
C LYS A 341 -33.48 72.79 -3.59
N GLU A 342 -32.69 73.16 -2.57
CA GLU A 342 -32.58 74.54 -2.12
C GLU A 342 -32.23 75.51 -3.25
N ALA A 343 -31.49 75.04 -4.27
CA ALA A 343 -31.08 75.93 -5.33
C ALA A 343 -32.16 76.13 -6.37
N SER A 344 -33.16 75.27 -6.38
CA SER A 344 -34.32 75.41 -7.26
C SER A 344 -35.49 76.10 -6.61
N GLU A 345 -35.49 76.18 -5.26
CA GLU A 345 -36.49 76.98 -4.57
C GLU A 345 -36.35 78.46 -4.96
N VAL A 346 -35.13 78.92 -5.27
CA VAL A 346 -34.93 80.28 -5.73
C VAL A 346 -35.93 80.27 -6.86
N LYS A 347 -36.83 81.23 -6.84
CA LYS A 347 -37.79 81.41 -7.90
C LYS A 347 -37.22 82.31 -8.99
N PRO A 348 -37.28 81.90 -10.24
CA PRO A 348 -36.72 82.67 -11.31
C PRO A 348 -37.57 83.90 -11.55
N PRO A 349 -37.07 84.90 -12.29
CA PRO A 349 -35.81 84.82 -13.04
C PRO A 349 -34.66 85.11 -12.09
N ARG A 350 -33.59 84.32 -12.18
CA ARG A 350 -32.45 84.49 -11.30
C ARG A 350 -31.28 84.99 -12.12
N ASP A 351 -30.27 85.53 -11.45
CA ASP A 351 -29.11 85.94 -12.19
C ASP A 351 -28.33 84.69 -12.59
N ILE A 352 -27.22 84.88 -13.30
CA ILE A 352 -26.57 83.70 -13.86
C ILE A 352 -25.86 82.89 -12.79
N THR A 353 -25.31 83.53 -11.75
CA THR A 353 -24.59 82.74 -10.74
C THR A 353 -25.53 81.75 -10.06
N ALA A 354 -26.72 82.21 -9.67
CA ALA A 354 -27.68 81.31 -9.04
C ALA A 354 -28.37 80.40 -10.04
N GLU A 355 -28.13 80.58 -11.34
CA GLU A 355 -28.56 79.61 -12.34
C GLU A 355 -27.48 78.57 -12.59
N PHE A 356 -26.22 79.01 -12.61
CA PHE A 356 -25.09 78.10 -12.65
C PHE A 356 -25.06 77.23 -11.42
N LEU A 357 -25.73 77.64 -10.35
CA LEU A 357 -25.80 76.81 -9.15
C LEU A 357 -26.67 75.59 -9.37
N VAL A 358 -27.86 75.78 -9.94
CA VAL A 358 -28.72 74.65 -10.26
C VAL A 358 -28.01 73.73 -11.26
N LYS A 359 -27.66 74.28 -12.42
CA LYS A 359 -27.02 73.46 -13.44
C LYS A 359 -25.80 72.72 -12.88
N SER A 360 -25.01 73.39 -12.05
CA SER A 360 -23.87 72.74 -11.39
C SER A 360 -24.32 71.61 -10.45
N LYS A 361 -25.03 71.93 -9.35
CA LYS A 361 -25.47 70.85 -8.46
C LYS A 361 -26.17 69.71 -9.20
N HIS A 362 -26.73 69.97 -10.38
CA HIS A 362 -27.37 68.88 -11.14
C HIS A 362 -26.35 67.94 -11.74
N ARG A 363 -25.30 68.47 -12.36
CA ARG A 363 -24.26 67.59 -12.87
C ARG A 363 -23.53 66.88 -11.75
N ASP A 364 -23.23 67.60 -10.67
CA ASP A 364 -22.60 67.00 -9.48
C ASP A 364 -23.44 65.85 -8.93
N LEU A 365 -24.75 66.04 -8.80
CA LEU A 365 -25.60 64.94 -8.33
C LEU A 365 -25.84 63.86 -9.39
N THR A 366 -25.67 64.17 -10.68
CA THR A 366 -25.74 63.09 -11.67
C THR A 366 -24.42 62.34 -11.72
N ALA A 367 -23.30 63.03 -11.47
CA ALA A 367 -21.99 62.39 -11.41
C ALA A 367 -21.91 61.42 -10.24
N LEU A 368 -22.29 61.86 -9.04
CA LEU A 368 -22.29 60.95 -7.90
C LEU A 368 -23.31 59.84 -8.09
N CYS A 369 -24.45 60.14 -8.68
CA CYS A 369 -25.41 59.07 -8.92
C CYS A 369 -24.84 58.03 -9.88
N LYS A 370 -23.96 58.44 -10.80
CA LYS A 370 -23.34 57.44 -11.66
C LYS A 370 -22.34 56.60 -10.88
N GLU A 371 -21.43 57.24 -10.13
CA GLU A 371 -20.50 56.51 -9.25
C GLU A 371 -21.23 55.43 -8.45
N TYR A 372 -22.24 55.83 -7.67
CA TYR A 372 -22.96 54.90 -6.80
C TYR A 372 -23.70 53.82 -7.58
N ASP A 373 -23.95 54.00 -8.86
CA ASP A 373 -24.55 52.89 -9.59
C ASP A 373 -23.49 51.85 -9.96
N GLU A 374 -22.37 52.31 -10.55
CA GLU A 374 -21.19 51.47 -10.77
C GLU A 374 -20.81 50.69 -9.52
N LEU A 375 -20.75 51.37 -8.38
CA LEU A 375 -20.27 50.78 -7.14
C LEU A 375 -21.34 49.97 -6.42
N ALA A 376 -22.46 49.65 -7.07
CA ALA A 376 -23.34 48.57 -6.63
C ALA A 376 -23.66 47.60 -7.75
N GLU A 377 -23.32 47.97 -8.99
CA GLU A 377 -22.96 47.00 -10.01
C GLU A 377 -21.86 46.05 -9.50
N THR A 378 -20.80 46.64 -8.93
CA THR A 378 -19.73 45.83 -8.36
C THR A 378 -20.17 45.12 -7.09
N GLN A 379 -21.06 45.72 -6.29
CA GLN A 379 -21.66 44.98 -5.18
C GLN A 379 -22.45 43.78 -5.68
N GLY A 380 -22.93 43.85 -6.93
CA GLY A 380 -23.65 42.70 -7.47
C GLY A 380 -22.73 41.50 -7.67
N LYS A 381 -21.62 41.71 -8.36
CA LYS A 381 -20.73 40.61 -8.74
C LYS A 381 -20.11 39.94 -7.52
N LEU A 382 -19.65 40.73 -6.54
CA LEU A 382 -19.06 40.12 -5.34
C LEU A 382 -20.11 39.40 -4.51
N GLU A 383 -21.31 39.95 -4.40
CA GLU A 383 -22.27 39.34 -3.48
C GLU A 383 -22.72 37.95 -3.93
N GLU A 384 -22.41 37.56 -5.17
CA GLU A 384 -22.69 36.20 -5.64
C GLU A 384 -21.45 35.33 -5.75
N LYS A 385 -20.30 35.91 -6.12
CA LYS A 385 -19.00 35.25 -5.96
C LYS A 385 -19.03 34.52 -4.60
N LEU A 386 -19.55 35.19 -3.56
CA LEU A 386 -19.68 34.65 -2.21
C LEU A 386 -20.77 33.67 -1.77
N GLN A 387 -21.72 33.32 -2.64
CA GLN A 387 -22.38 32.04 -2.49
C GLN A 387 -21.72 30.97 -3.34
N GLU A 388 -21.12 31.39 -4.47
CA GLU A 388 -20.08 30.64 -5.16
C GLU A 388 -19.08 29.87 -4.30
N LEU A 389 -18.46 30.55 -3.33
CA LEU A 389 -17.38 29.94 -2.59
C LEU A 389 -18.00 29.20 -1.40
N GLU A 390 -19.23 29.50 -1.03
CA GLU A 390 -19.90 28.71 0.00
C GLU A 390 -20.64 27.51 -0.58
N ALA A 391 -20.44 27.23 -1.88
CA ALA A 391 -21.10 26.14 -2.60
C ALA A 391 -20.16 25.15 -3.27
N ASN A 392 -18.85 25.45 -3.34
CA ASN A 392 -17.85 24.38 -3.55
C ASN A 392 -16.99 24.25 -2.30
N PRO A 393 -17.55 23.98 -1.11
CA PRO A 393 -16.70 23.90 0.07
C PRO A 393 -15.96 22.58 0.11
N PRO A 394 -14.60 22.58 -0.02
CA PRO A 394 -13.87 21.33 -0.09
C PRO A 394 -14.10 20.47 1.14
N SER A 395 -13.55 19.26 1.13
CA SER A 395 -14.09 18.16 1.92
C SER A 395 -13.96 18.42 3.41
N ASP A 396 -14.95 17.90 4.14
CA ASP A 396 -15.05 18.10 5.58
C ASP A 396 -13.97 17.32 6.33
N VAL A 397 -13.66 16.09 5.87
CA VAL A 397 -12.81 15.13 6.59
C VAL A 397 -11.80 14.50 5.62
N TYR A 398 -10.82 13.80 6.20
CA TYR A 398 -10.07 12.79 5.44
C TYR A 398 -10.78 11.44 5.45
N LEU A 399 -11.09 10.94 6.65
CA LEU A 399 -11.89 9.74 6.80
C LEU A 399 -12.66 9.83 8.11
N SER A 400 -13.81 9.17 8.15
CA SER A 400 -14.68 9.12 9.30
C SER A 400 -14.33 7.94 10.22
N SER A 401 -15.02 7.84 11.37
CA SER A 401 -14.89 6.64 12.19
C SER A 401 -15.25 5.39 11.40
N ARG A 402 -16.40 5.40 10.74
CA ARG A 402 -16.80 4.30 9.87
C ARG A 402 -15.76 4.07 8.77
N ASP A 403 -15.16 5.15 8.26
CA ASP A 403 -14.12 5.02 7.24
C ASP A 403 -12.77 4.41 7.55
N ARG A 404 -12.10 4.87 8.62
CA ARG A 404 -10.71 4.48 8.93
C ARG A 404 -10.92 3.31 9.90
N GLN A 405 -12.13 2.73 9.96
CA GLN A 405 -12.39 1.49 10.68
C GLN A 405 -12.46 0.39 9.63
N ILE A 406 -13.08 0.67 8.48
CA ILE A 406 -13.03 -0.27 7.37
C ILE A 406 -11.62 -0.33 6.78
N LEU A 407 -10.96 0.82 6.70
CA LEU A 407 -9.55 0.82 6.35
C LEU A 407 -8.75 0.01 7.34
N ASP A 408 -9.16 -0.01 8.62
CA ASP A 408 -8.46 -0.83 9.58
C ASP A 408 -8.54 -2.30 9.22
N TRP A 409 -9.65 -2.73 8.62
CA TRP A 409 -9.75 -4.09 8.15
C TRP A 409 -8.86 -4.34 6.93
N HIS A 410 -8.78 -3.40 6.01
CA HIS A 410 -7.83 -3.57 4.91
C HIS A 410 -6.37 -3.54 5.38
N PHE A 411 -6.10 -3.13 6.61
CA PHE A 411 -4.77 -3.27 7.16
C PHE A 411 -4.60 -4.63 7.82
N ALA A 412 -5.63 -5.09 8.52
CA ALA A 412 -5.61 -6.44 9.05
C ALA A 412 -5.48 -7.48 7.95
N ASN A 413 -5.73 -7.14 6.69
CA ASN A 413 -5.41 -8.13 5.68
C ASN A 413 -3.92 -8.14 5.34
N LEU A 414 -3.24 -6.98 5.28
CA LEU A 414 -1.77 -7.03 5.28
C LEU A 414 -1.23 -7.77 6.48
N GLU A 415 -1.79 -7.52 7.65
CA GLU A 415 -1.30 -8.23 8.81
C GLU A 415 -1.58 -9.72 8.70
N PHE A 416 -2.48 -10.14 7.83
CA PHE A 416 -2.60 -11.58 7.58
C PHE A 416 -1.66 -12.26 6.59
N ALA A 417 -1.32 -11.61 5.47
CA ALA A 417 -0.58 -12.34 4.43
C ALA A 417 0.83 -11.81 4.67
N ASN A 418 1.09 -11.24 5.85
CA ASN A 418 2.46 -10.98 6.31
C ASN A 418 2.64 -11.57 7.69
N ALA A 419 1.56 -11.85 8.42
CA ALA A 419 1.62 -12.50 9.74
C ALA A 419 2.34 -11.62 10.78
N THR A 420 2.22 -10.31 10.67
CA THR A 420 2.91 -9.45 11.62
C THR A 420 2.25 -8.07 11.65
N PRO A 421 2.33 -7.38 12.77
CA PRO A 421 1.89 -5.98 12.81
C PRO A 421 2.68 -5.11 11.86
N LEU A 422 1.97 -4.33 11.04
CA LEU A 422 2.64 -3.57 9.99
C LEU A 422 3.72 -2.66 10.55
N SER A 423 3.75 -2.51 11.88
CA SER A 423 4.74 -1.70 12.55
C SER A 423 6.09 -2.35 12.64
N THR A 424 6.19 -3.64 12.24
CA THR A 424 7.44 -4.40 12.23
C THR A 424 7.96 -4.72 10.83
N LEU A 425 7.09 -4.82 9.81
CA LEU A 425 7.55 -5.00 8.44
C LEU A 425 8.48 -3.86 8.02
N SER A 426 9.53 -4.19 7.27
CA SER A 426 10.45 -3.16 6.82
C SER A 426 9.80 -2.35 5.70
N LEU A 427 9.97 -1.03 5.75
CA LEU A 427 9.38 -0.24 4.68
C LEU A 427 10.07 -0.54 3.35
N LYS A 428 11.41 -0.45 3.30
CA LYS A 428 12.05 -0.62 2.01
C LYS A 428 11.93 -2.04 1.46
N HIS A 429 11.61 -3.03 2.29
CA HIS A 429 11.79 -4.43 1.89
C HIS A 429 10.62 -5.36 2.10
N TRP A 430 9.57 -4.89 2.72
CA TRP A 430 8.44 -5.77 3.07
C TRP A 430 7.98 -6.61 1.89
N ASP A 431 7.92 -6.01 0.73
CA ASP A 431 7.33 -6.67 -0.43
C ASP A 431 8.37 -7.18 -1.40
N GLN A 432 9.65 -7.25 -1.00
CA GLN A 432 10.74 -7.51 -1.95
C GLN A 432 10.54 -8.82 -2.73
N ASP A 433 9.86 -9.81 -2.13
CA ASP A 433 9.53 -11.04 -2.84
C ASP A 433 8.37 -10.92 -3.83
N ASP A 434 7.90 -9.72 -4.12
CA ASP A 434 6.70 -9.62 -4.98
C ASP A 434 7.05 -9.87 -6.43
N ASP A 435 8.24 -9.50 -6.85
CA ASP A 435 8.55 -9.54 -8.26
C ASP A 435 8.47 -10.94 -8.85
N PHE A 436 8.39 -11.97 -8.02
CA PHE A 436 8.55 -13.35 -8.46
C PHE A 436 7.27 -14.15 -8.39
N GLU A 437 6.11 -13.49 -8.30
CA GLU A 437 4.95 -14.27 -7.90
C GLU A 437 4.38 -15.05 -9.06
N PHE A 438 3.79 -16.19 -8.74
CA PHE A 438 3.29 -17.09 -9.75
C PHE A 438 2.00 -16.55 -10.36
N THR A 439 1.93 -16.59 -11.69
CA THR A 439 0.76 -16.13 -12.44
C THR A 439 -0.35 -17.18 -12.38
N GLY A 440 -1.47 -16.83 -11.78
CA GLY A 440 -2.58 -17.75 -11.69
C GLY A 440 -3.48 -17.37 -10.54
N SER A 441 -4.69 -17.91 -10.57
CA SER A 441 -5.62 -17.63 -9.48
C SER A 441 -5.18 -18.48 -8.30
N HIS A 442 -5.10 -17.87 -7.12
CA HIS A 442 -4.77 -18.67 -5.95
C HIS A 442 -5.83 -19.76 -5.76
N LEU A 443 -5.45 -20.82 -5.04
CA LEU A 443 -6.29 -22.01 -4.94
C LEU A 443 -6.27 -22.52 -3.51
N THR A 444 -7.19 -23.44 -3.23
CA THR A 444 -7.25 -24.07 -1.92
C THR A 444 -7.28 -25.57 -2.12
N VAL A 445 -6.67 -26.29 -1.19
CA VAL A 445 -6.66 -27.74 -1.22
C VAL A 445 -7.84 -28.28 -0.45
N ARG A 446 -8.71 -28.99 -1.16
CA ARG A 446 -10.02 -29.38 -0.65
C ARG A 446 -9.96 -30.66 0.15
N ASN A 447 -9.06 -31.58 -0.22
CA ASN A 447 -8.85 -32.81 0.55
C ASN A 447 -7.84 -32.63 1.68
N GLY A 448 -7.39 -31.41 1.95
CA GLY A 448 -6.42 -31.16 3.00
C GLY A 448 -5.00 -31.16 2.49
N TYR A 449 -4.28 -30.05 2.68
CA TYR A 449 -2.91 -29.93 2.19
C TYR A 449 -1.99 -31.01 2.76
N SER A 450 -2.33 -31.61 3.91
CA SER A 450 -1.50 -32.67 4.46
C SER A 450 -1.36 -33.84 3.50
N CYS A 451 -2.24 -33.94 2.51
CA CYS A 451 -2.06 -35.00 1.51
C CYS A 451 -0.68 -34.93 0.83
N VAL A 452 -0.02 -33.78 0.83
CA VAL A 452 1.22 -33.56 0.07
C VAL A 452 2.47 -33.92 0.89
N PRO A 453 2.57 -33.56 2.16
CA PRO A 453 3.70 -34.08 2.93
C PRO A 453 3.64 -35.58 3.09
N VAL A 454 2.48 -36.12 3.42
CA VAL A 454 2.38 -37.56 3.56
C VAL A 454 2.84 -38.24 2.29
N ALA A 455 2.41 -37.73 1.13
CA ALA A 455 2.84 -38.29 -0.14
C ALA A 455 4.36 -38.26 -0.28
N LEU A 456 5.00 -37.15 0.12
CA LEU A 456 6.44 -37.06 0.00
C LEU A 456 7.13 -38.01 0.96
N ALA A 457 6.72 -37.98 2.23
CA ALA A 457 7.34 -38.77 3.30
C ALA A 457 7.50 -40.23 2.87
N GLU A 458 6.53 -40.80 2.17
CA GLU A 458 6.66 -42.18 1.73
C GLU A 458 7.94 -42.67 1.08
N GLY A 459 8.53 -43.71 1.68
CA GLY A 459 9.78 -44.26 1.23
C GLY A 459 10.98 -43.78 2.00
N LEU A 460 10.77 -43.02 3.07
CA LEU A 460 11.83 -42.29 3.74
C LEU A 460 11.94 -42.77 5.18
N ASP A 461 13.18 -42.88 5.67
CA ASP A 461 13.43 -43.28 7.06
C ASP A 461 13.12 -42.09 7.98
N ILE A 462 11.99 -42.13 8.67
CA ILE A 462 11.53 -40.98 9.44
C ILE A 462 11.37 -41.40 10.90
N LYS A 463 12.17 -40.80 11.78
CA LYS A 463 12.12 -41.12 13.21
C LYS A 463 11.23 -40.08 13.89
N LEU A 464 9.95 -40.44 14.10
CA LEU A 464 8.96 -39.54 14.71
C LEU A 464 9.08 -39.51 16.23
N ASN A 465 8.56 -38.44 16.81
CA ASN A 465 8.63 -38.23 18.26
C ASN A 465 10.07 -38.15 18.75
N THR A 466 10.91 -37.45 18.02
CA THR A 466 12.35 -37.42 18.27
C THR A 466 12.82 -35.98 18.32
N ALA A 467 12.90 -35.42 19.50
CA ALA A 467 13.27 -34.02 19.63
C ALA A 467 14.77 -33.89 19.52
N VAL A 468 15.26 -33.29 18.44
CA VAL A 468 16.68 -32.98 18.38
C VAL A 468 17.02 -31.94 19.43
N ARG A 469 18.15 -32.14 20.10
CA ARG A 469 18.49 -31.40 21.31
C ARG A 469 19.85 -30.74 21.25
N GLN A 470 20.74 -31.22 20.38
CA GLN A 470 22.09 -30.71 20.25
C GLN A 470 22.66 -31.19 18.92
N VAL A 471 23.20 -30.26 18.13
CA VAL A 471 23.89 -30.57 16.89
C VAL A 471 25.36 -30.28 17.10
N ARG A 472 26.18 -31.32 16.93
CA ARG A 472 27.62 -31.30 17.06
C ARG A 472 28.19 -31.63 15.70
N TYR A 473 29.02 -30.74 15.17
CA TYR A 473 29.57 -30.91 13.83
C TYR A 473 31.05 -30.56 13.91
N THR A 474 31.89 -31.38 13.25
CA THR A 474 33.34 -31.27 13.36
C THR A 474 33.99 -31.52 12.02
N ALA A 475 35.31 -31.34 11.99
CA ALA A 475 36.06 -31.55 10.76
C ALA A 475 35.78 -32.90 10.11
N SER A 476 35.50 -33.92 10.89
CA SER A 476 35.45 -35.29 10.40
C SER A 476 34.05 -35.88 10.40
N GLY A 477 33.06 -35.12 10.82
CA GLY A 477 31.68 -35.60 10.82
C GLY A 477 30.83 -34.86 11.83
N CYS A 478 29.59 -35.33 11.94
CA CYS A 478 28.65 -34.76 12.90
C CYS A 478 27.92 -35.87 13.65
N GLU A 479 27.56 -35.54 14.88
CA GLU A 479 26.61 -36.32 15.65
C GLU A 479 25.52 -35.37 16.12
N VAL A 480 24.27 -35.86 16.02
CA VAL A 480 23.05 -35.15 16.39
C VAL A 480 22.49 -35.89 17.59
N ILE A 481 22.10 -35.15 18.62
CA ILE A 481 21.61 -35.77 19.85
C ILE A 481 20.13 -35.44 20.01
N ALA A 482 19.31 -36.47 20.09
CA ALA A 482 17.86 -36.32 20.24
C ALA A 482 17.37 -37.06 21.50
N VAL A 483 16.22 -36.65 22.01
CA VAL A 483 15.51 -37.40 23.05
C VAL A 483 14.21 -37.91 22.47
N ASN A 484 13.56 -38.82 23.19
CA ASN A 484 12.21 -39.23 22.87
C ASN A 484 11.23 -38.27 23.55
N THR A 485 10.30 -37.73 22.76
CA THR A 485 9.44 -36.65 23.24
C THR A 485 8.54 -37.10 24.37
N ARG A 486 8.16 -38.37 24.38
CA ARG A 486 7.15 -38.86 25.31
C ARG A 486 7.73 -39.09 26.70
N SER A 487 8.78 -39.94 26.81
CA SER A 487 9.67 -39.98 27.99
C SER A 487 10.99 -39.30 27.58
N THR A 488 11.18 -38.06 28.06
CA THR A 488 12.32 -37.25 27.67
C THR A 488 13.64 -37.79 28.21
N SER A 489 13.59 -38.78 29.10
CA SER A 489 14.81 -39.35 29.67
C SER A 489 15.61 -40.11 28.62
N GLN A 490 14.94 -40.65 27.59
CA GLN A 490 15.49 -41.70 26.76
C GLN A 490 16.21 -41.13 25.55
N THR A 491 17.54 -41.31 25.50
CA THR A 491 18.44 -40.52 24.65
C THR A 491 18.90 -41.27 23.39
N PHE A 492 19.10 -40.50 22.31
CA PHE A 492 19.45 -40.99 20.96
C PHE A 492 20.64 -40.23 20.37
N ILE A 493 21.64 -40.97 19.86
CA ILE A 493 22.81 -40.38 19.23
C ILE A 493 22.85 -40.84 17.77
N TYR A 494 22.98 -39.88 16.85
CA TYR A 494 23.00 -40.12 15.40
C TYR A 494 24.27 -39.52 14.81
N LYS A 495 25.09 -40.36 14.16
CA LYS A 495 26.33 -39.93 13.51
C LYS A 495 26.09 -39.87 12.01
N CYS A 496 26.72 -38.90 11.34
CA CYS A 496 26.47 -38.68 9.91
C CYS A 496 27.53 -37.78 9.29
N ASP A 497 27.63 -37.84 7.95
CA ASP A 497 28.57 -36.97 7.24
C ASP A 497 28.12 -35.49 7.23
N ALA A 498 26.81 -35.23 7.13
CA ALA A 498 26.28 -33.86 7.10
C ALA A 498 24.88 -33.83 7.70
N VAL A 499 24.59 -32.72 8.40
CA VAL A 499 23.26 -32.43 8.98
C VAL A 499 22.62 -31.29 8.20
N LEU A 500 21.43 -31.57 7.63
CA LEU A 500 20.58 -30.57 7.01
C LEU A 500 19.54 -30.16 8.03
N CYS A 501 19.55 -28.88 8.41
CA CYS A 501 18.71 -28.34 9.47
C CYS A 501 17.54 -27.58 8.87
N THR A 502 16.32 -28.13 8.97
CA THR A 502 15.14 -27.41 8.50
C THR A 502 14.32 -26.92 9.69
N LEU A 503 15.00 -26.64 10.80
CA LEU A 503 14.34 -26.13 11.99
C LEU A 503 13.76 -24.77 11.68
N PRO A 504 12.44 -24.60 11.76
CA PRO A 504 11.78 -23.29 11.72
C PRO A 504 12.44 -22.09 12.36
N LEU A 505 12.53 -20.96 11.64
CA LEU A 505 13.21 -19.80 12.21
C LEU A 505 12.79 -19.42 13.63
N GLY A 506 11.53 -19.67 14.00
CA GLY A 506 11.11 -19.43 15.38
C GLY A 506 11.88 -20.29 16.38
N VAL A 507 12.09 -21.56 16.03
CA VAL A 507 12.86 -22.47 16.87
C VAL A 507 14.29 -21.97 17.00
N LEU A 508 14.91 -21.70 15.86
CA LEU A 508 16.27 -21.18 15.84
C LEU A 508 16.42 -19.91 16.64
N LYS A 509 15.31 -19.23 16.94
CA LYS A 509 15.37 -17.94 17.61
C LYS A 509 15.30 -18.07 19.10
N GLN A 510 14.88 -19.25 19.62
CA GLN A 510 14.61 -19.45 21.04
C GLN A 510 15.78 -19.02 21.90
N GLN A 511 15.47 -18.24 22.93
CA GLN A 511 16.40 -17.95 24.03
C GLN A 511 15.68 -18.32 25.32
N PRO A 512 16.15 -19.33 26.04
CA PRO A 512 17.38 -20.05 25.67
C PRO A 512 17.12 -21.32 24.83
N PRO A 513 18.16 -21.79 24.14
CA PRO A 513 18.00 -22.56 22.89
C PRO A 513 17.38 -23.95 23.02
N ALA A 514 16.22 -24.12 22.39
CA ALA A 514 15.65 -25.45 22.17
C ALA A 514 16.68 -26.42 21.62
N VAL A 515 17.57 -25.95 20.75
CA VAL A 515 18.63 -26.77 20.17
C VAL A 515 19.96 -26.05 20.32
N GLN A 516 20.93 -26.77 20.89
CA GLN A 516 22.28 -26.30 21.15
C GLN A 516 23.19 -26.68 19.98
N PHE A 517 23.98 -25.72 19.51
CA PHE A 517 24.91 -25.98 18.42
C PHE A 517 26.35 -26.08 18.95
N VAL A 518 27.00 -27.19 18.63
CA VAL A 518 28.37 -27.42 19.07
C VAL A 518 29.25 -27.75 17.86
N PRO A 519 30.13 -26.79 17.45
CA PRO A 519 30.35 -25.50 18.15
C PRO A 519 29.20 -24.49 17.91
N PRO A 520 29.23 -23.31 18.54
CA PRO A 520 28.14 -22.37 18.34
C PRO A 520 28.03 -21.96 16.87
N LEU A 521 26.83 -21.53 16.50
CA LEU A 521 26.66 -20.92 15.19
C LEU A 521 27.38 -19.58 15.16
N PRO A 522 28.18 -19.31 14.12
CA PRO A 522 28.97 -18.07 14.06
C PRO A 522 28.11 -16.81 14.09
N GLU A 523 28.71 -15.70 14.51
CA GLU A 523 27.92 -14.48 14.64
C GLU A 523 27.16 -14.11 13.36
N TRP A 524 27.84 -14.14 12.21
CA TRP A 524 27.14 -13.79 10.99
C TRP A 524 25.83 -14.56 10.83
N LYS A 525 25.74 -15.77 11.36
CA LYS A 525 24.50 -16.52 11.23
C LYS A 525 23.56 -16.27 12.39
N THR A 526 24.06 -16.05 13.60
CA THR A 526 23.16 -15.82 14.72
C THR A 526 22.50 -14.46 14.58
N SER A 527 23.25 -13.47 14.06
CA SER A 527 22.69 -12.14 13.88
C SER A 527 21.69 -12.11 12.75
N ALA A 528 21.94 -12.88 11.70
CA ALA A 528 20.91 -13.06 10.69
C ALA A 528 19.69 -13.73 11.25
N VAL A 529 19.80 -14.43 12.37
CA VAL A 529 18.61 -15.04 12.94
C VAL A 529 17.85 -14.03 13.78
N GLN A 530 18.55 -13.21 14.58
CA GLN A 530 17.86 -12.19 15.36
C GLN A 530 17.19 -11.15 14.47
N ARG A 531 17.85 -10.75 13.38
CA ARG A 531 17.33 -9.66 12.57
C ARG A 531 16.04 -10.04 11.89
N MET A 532 15.97 -11.26 11.39
CA MET A 532 14.82 -11.65 10.57
C MET A 532 13.54 -11.67 11.38
N GLY A 533 12.43 -11.67 10.67
CA GLY A 533 11.13 -11.58 11.29
C GLY A 533 10.52 -12.98 11.39
N PHE A 534 9.99 -13.29 12.54
CA PHE A 534 9.13 -14.45 12.61
C PHE A 534 7.83 -13.99 13.23
N GLY A 535 6.74 -14.29 12.56
CA GLY A 535 5.45 -13.76 12.92
C GLY A 535 4.46 -14.86 13.19
N ASN A 536 3.19 -14.48 13.32
CA ASN A 536 2.15 -15.29 13.94
C ASN A 536 0.84 -15.00 13.21
N LEU A 537 0.05 -16.05 12.98
CA LEU A 537 -1.36 -15.88 12.67
C LEU A 537 -2.01 -17.23 12.87
N ASN A 538 -3.22 -17.23 13.43
CA ASN A 538 -3.88 -18.45 13.90
C ASN A 538 -5.24 -18.61 13.23
N LYS A 539 -5.77 -19.84 13.21
CA LYS A 539 -7.04 -20.13 12.55
C LYS A 539 -7.98 -20.81 13.54
N VAL A 540 -9.27 -20.46 13.51
CA VAL A 540 -10.28 -21.16 14.32
C VAL A 540 -11.15 -21.98 13.36
N VAL A 541 -11.37 -23.25 13.70
CA VAL A 541 -12.13 -24.15 12.84
C VAL A 541 -13.52 -24.31 13.43
N LEU A 542 -14.52 -23.91 12.64
CA LEU A 542 -15.92 -23.98 13.04
C LEU A 542 -16.61 -25.04 12.20
N CYS A 543 -17.01 -26.12 12.86
CA CYS A 543 -17.68 -27.27 12.23
C CYS A 543 -19.15 -27.25 12.60
N PHE A 544 -20.00 -27.07 11.60
CA PHE A 544 -21.43 -27.10 11.83
C PHE A 544 -22.04 -28.29 11.10
N ASP A 545 -23.37 -28.36 11.14
CA ASP A 545 -24.14 -29.40 10.46
C ASP A 545 -24.92 -28.90 9.24
N ARG A 546 -24.92 -27.59 8.97
CA ARG A 546 -25.54 -27.04 7.78
C ARG A 546 -24.93 -25.69 7.42
N VAL A 547 -24.73 -25.49 6.13
CA VAL A 547 -24.31 -24.18 5.62
C VAL A 547 -25.41 -23.15 5.87
N PHE A 548 -25.11 -22.15 6.71
CA PHE A 548 -25.98 -21.00 6.91
C PHE A 548 -25.36 -19.72 6.38
N TRP A 549 -24.31 -19.81 5.61
CA TRP A 549 -23.63 -18.67 5.00
C TRP A 549 -23.93 -18.69 3.52
N ASP A 550 -23.54 -17.62 2.85
CA ASP A 550 -23.72 -17.59 1.42
C ASP A 550 -22.81 -18.62 0.76
N PRO A 551 -23.35 -19.71 0.22
CA PRO A 551 -22.48 -20.83 -0.20
C PRO A 551 -21.66 -20.53 -1.42
N SER A 552 -22.10 -19.61 -2.28
CA SER A 552 -21.29 -19.22 -3.42
C SER A 552 -20.17 -18.27 -3.02
N VAL A 553 -20.23 -17.76 -1.80
CA VAL A 553 -19.20 -16.90 -1.24
C VAL A 553 -18.17 -17.76 -0.51
N ASN A 554 -16.90 -17.68 -0.97
CA ASN A 554 -15.86 -18.45 -0.31
C ASN A 554 -15.44 -17.82 1.01
N LEU A 555 -15.59 -16.50 1.15
CA LEU A 555 -15.03 -15.78 2.29
C LEU A 555 -15.75 -14.46 2.51
N PHE A 556 -15.79 -14.02 3.77
CA PHE A 556 -16.47 -12.78 4.11
C PHE A 556 -15.84 -12.17 5.36
N GLY A 557 -15.68 -10.85 5.36
CA GLY A 557 -14.95 -10.17 6.42
C GLY A 557 -15.82 -9.79 7.61
N HIS A 558 -15.17 -9.26 8.65
CA HIS A 558 -15.83 -8.63 9.78
C HIS A 558 -14.96 -7.47 10.20
N VAL A 559 -15.55 -6.28 10.33
CA VAL A 559 -14.77 -5.09 10.63
C VAL A 559 -14.71 -4.91 12.14
N GLY A 560 -13.66 -4.24 12.58
CA GLY A 560 -13.27 -4.30 13.98
C GLY A 560 -13.70 -3.06 14.74
N SER A 561 -14.01 -3.27 16.02
CA SER A 561 -14.38 -2.16 16.89
C SER A 561 -13.30 -1.08 16.91
N THR A 562 -12.04 -1.49 16.88
CA THR A 562 -11.00 -0.55 17.25
C THR A 562 -10.07 -0.37 16.05
N THR A 563 -8.98 0.37 16.25
CA THR A 563 -7.76 0.10 15.50
C THR A 563 -7.08 -1.12 16.10
N ALA A 564 -7.02 -1.17 17.43
CA ALA A 564 -6.24 -2.13 18.18
C ALA A 564 -6.78 -3.55 18.14
N SER A 565 -7.93 -3.79 17.52
CA SER A 565 -8.36 -5.17 17.36
C SER A 565 -8.80 -5.42 15.92
N ARG A 566 -8.18 -4.71 14.98
CA ARG A 566 -8.45 -4.96 13.56
C ARG A 566 -8.21 -6.42 13.20
N GLY A 567 -7.43 -7.15 14.00
CA GLY A 567 -7.13 -8.53 13.66
C GLY A 567 -8.11 -9.56 14.17
N GLU A 568 -8.73 -9.27 15.31
CA GLU A 568 -9.46 -10.27 16.07
C GLU A 568 -10.66 -10.78 15.27
N LEU A 569 -10.60 -12.04 14.86
CA LEU A 569 -11.65 -12.71 14.10
C LEU A 569 -12.12 -11.89 12.89
N PHE A 570 -11.15 -11.44 12.10
CA PHE A 570 -11.40 -10.46 11.07
C PHE A 570 -11.80 -11.06 9.70
N LEU A 571 -12.01 -12.38 9.59
CA LEU A 571 -12.24 -12.97 8.26
C LEU A 571 -12.61 -14.46 8.33
N PHE A 572 -13.56 -14.91 7.50
CA PHE A 572 -14.10 -16.26 7.56
C PHE A 572 -14.00 -16.94 6.19
N TRP A 573 -13.64 -18.24 6.15
CA TRP A 573 -13.64 -19.01 4.89
C TRP A 573 -14.63 -20.17 4.97
N ASN A 574 -15.53 -20.23 4.00
CA ASN A 574 -16.17 -21.45 3.56
C ASN A 574 -15.38 -21.87 2.34
N LEU A 575 -14.45 -22.79 2.54
CA LEU A 575 -13.68 -23.29 1.41
C LEU A 575 -14.02 -24.72 1.08
N TYR A 576 -14.67 -25.41 1.99
CA TYR A 576 -14.77 -26.85 1.97
C TYR A 576 -16.18 -27.27 1.59
N LYS A 577 -16.28 -28.49 1.06
CA LYS A 577 -17.58 -29.10 0.77
C LYS A 577 -18.44 -29.13 2.02
N ALA A 578 -17.87 -29.58 3.13
CA ALA A 578 -18.56 -29.73 4.37
C ALA A 578 -18.94 -28.36 4.96
N PRO A 579 -19.78 -28.38 6.00
CA PRO A 579 -20.11 -27.18 6.72
C PRO A 579 -19.00 -26.70 7.64
N ILE A 580 -17.92 -26.20 7.06
CA ILE A 580 -16.77 -25.78 7.90
C ILE A 580 -16.45 -24.34 7.57
N LEU A 581 -16.62 -23.47 8.54
CA LEU A 581 -16.24 -22.06 8.34
C LEU A 581 -14.91 -21.95 9.06
N LEU A 582 -14.05 -21.08 8.59
CA LEU A 582 -12.69 -21.06 9.10
C LEU A 582 -12.35 -19.60 9.34
N ALA A 583 -11.85 -19.29 10.54
CA ALA A 583 -11.82 -17.93 11.08
C ALA A 583 -10.39 -17.49 11.37
N LEU A 584 -9.88 -16.54 10.57
CA LEU A 584 -8.52 -16.03 10.72
C LEU A 584 -8.39 -15.11 11.95
N VAL A 585 -7.16 -14.98 12.49
CA VAL A 585 -6.86 -14.10 13.63
C VAL A 585 -5.47 -13.52 13.44
N ALA A 586 -5.33 -12.41 12.74
CA ALA A 586 -3.98 -11.96 12.42
C ALA A 586 -3.59 -10.76 13.27
N GLY A 587 -2.52 -10.10 12.87
CA GLY A 587 -2.18 -8.82 13.44
C GLY A 587 -1.66 -8.91 14.86
N GLU A 588 -1.74 -7.78 15.55
CA GLU A 588 -1.45 -7.76 16.99
C GLU A 588 -2.33 -8.73 17.75
N ALA A 589 -3.51 -9.03 17.21
CA ALA A 589 -4.52 -9.82 17.91
C ALA A 589 -4.10 -11.27 18.07
N ALA A 590 -3.49 -11.84 17.03
CA ALA A 590 -3.06 -13.24 17.03
C ALA A 590 -2.30 -13.59 18.29
N GLY A 591 -1.31 -12.75 18.63
CA GLY A 591 -0.44 -12.99 19.75
C GLY A 591 -1.13 -13.00 21.10
N ILE A 592 -2.32 -12.40 21.21
CA ILE A 592 -3.01 -12.28 22.49
C ILE A 592 -4.18 -13.23 22.58
N MET A 593 -4.78 -13.58 21.45
CA MET A 593 -5.80 -14.63 21.45
C MET A 593 -5.25 -16.02 21.81
N GLU A 594 -3.94 -16.14 22.02
CA GLU A 594 -3.33 -17.36 22.50
C GLU A 594 -3.30 -17.41 24.03
N ASN A 595 -3.81 -16.37 24.69
CA ASN A 595 -3.92 -16.26 26.14
C ASN A 595 -5.37 -16.36 26.59
N ILE A 596 -6.23 -16.85 25.72
CA ILE A 596 -7.67 -16.87 25.91
C ILE A 596 -8.14 -18.26 25.56
N SER A 597 -8.92 -18.88 26.45
CA SER A 597 -9.38 -20.24 26.25
C SER A 597 -10.08 -20.47 24.91
N ASP A 598 -10.19 -21.73 24.50
CA ASP A 598 -10.87 -22.06 23.24
C ASP A 598 -12.34 -21.66 23.26
N ASP A 599 -12.97 -21.75 24.44
CA ASP A 599 -14.38 -21.41 24.56
C ASP A 599 -14.61 -19.94 24.25
N VAL A 600 -14.02 -19.07 25.07
CA VAL A 600 -14.11 -17.63 24.89
C VAL A 600 -13.98 -17.27 23.41
N ILE A 601 -13.08 -17.97 22.69
CA ILE A 601 -12.77 -17.64 21.30
C ILE A 601 -13.87 -18.11 20.36
N VAL A 602 -14.40 -19.32 20.58
CA VAL A 602 -15.53 -19.74 19.74
C VAL A 602 -16.73 -18.84 20.03
N GLY A 603 -16.87 -18.38 21.27
CA GLY A 603 -17.91 -17.44 21.65
C GLY A 603 -17.82 -16.18 20.84
N ARG A 604 -16.67 -15.49 20.93
CA ARG A 604 -16.44 -14.30 20.13
C ARG A 604 -16.75 -14.54 18.66
N CYS A 605 -16.51 -15.77 18.17
CA CYS A 605 -16.82 -16.11 16.76
C CYS A 605 -18.32 -16.16 16.52
N LEU A 606 -19.03 -16.97 17.31
CA LEU A 606 -20.45 -17.15 17.08
C LEU A 606 -21.20 -15.82 17.20
N ALA A 607 -20.88 -15.05 18.25
CA ALA A 607 -21.42 -13.71 18.36
C ALA A 607 -21.23 -12.92 17.07
N ILE A 608 -20.00 -12.87 16.56
CA ILE A 608 -19.76 -12.13 15.32
C ILE A 608 -20.53 -12.74 14.15
N LEU A 609 -20.84 -14.04 14.21
CA LEU A 609 -21.65 -14.69 13.17
C LEU A 609 -23.15 -14.43 13.36
N LYS A 610 -23.62 -14.42 14.61
CA LYS A 610 -25.01 -14.09 14.92
C LYS A 610 -25.41 -12.72 14.37
N GLY A 611 -24.63 -11.69 14.71
CA GLY A 611 -24.86 -10.38 14.14
C GLY A 611 -24.96 -10.38 12.62
N ILE A 612 -24.17 -11.22 11.96
CA ILE A 612 -24.09 -11.17 10.50
C ILE A 612 -25.08 -12.10 9.80
N PHE A 613 -25.54 -13.17 10.47
CA PHE A 613 -26.49 -14.08 9.86
C PHE A 613 -27.80 -14.25 10.63
N GLY A 614 -27.92 -13.67 11.82
CA GLY A 614 -29.17 -13.78 12.56
C GLY A 614 -29.01 -14.57 13.81
N SER A 615 -29.29 -13.95 14.98
CA SER A 615 -29.05 -14.49 16.31
C SER A 615 -29.51 -16.04 16.40
N SER A 616 -30.55 -16.42 15.66
CA SER A 616 -31.03 -17.81 15.59
C SER A 616 -30.49 -18.79 14.57
N ALA A 617 -30.24 -18.33 13.31
CA ALA A 617 -29.69 -19.07 12.15
C ALA A 617 -28.20 -19.67 12.36
N VAL A 618 -27.54 -19.44 13.51
CA VAL A 618 -26.16 -19.85 13.76
C VAL A 618 -26.13 -20.83 14.93
N PRO A 619 -26.04 -22.15 14.64
CA PRO A 619 -26.18 -23.16 15.71
C PRO A 619 -24.93 -23.30 16.57
N GLN A 620 -24.84 -24.36 17.35
CA GLN A 620 -23.55 -24.64 17.95
C GLN A 620 -22.63 -25.38 16.97
N PRO A 621 -21.33 -25.19 17.11
CA PRO A 621 -20.38 -26.01 16.37
C PRO A 621 -20.29 -27.41 16.97
N LYS A 622 -20.23 -28.40 16.09
CA LYS A 622 -20.03 -29.77 16.53
C LYS A 622 -18.59 -30.00 16.98
N GLU A 623 -17.63 -29.41 16.27
CA GLU A 623 -16.19 -29.56 16.52
C GLU A 623 -15.47 -28.22 16.39
N THR A 624 -14.61 -27.90 17.37
CA THR A 624 -13.82 -26.67 17.42
C THR A 624 -12.33 -26.92 17.66
N VAL A 625 -11.48 -26.22 16.87
CA VAL A 625 -10.01 -26.33 16.83
C VAL A 625 -9.43 -24.92 16.82
N VAL A 626 -8.72 -24.54 17.87
CA VAL A 626 -8.09 -23.22 17.96
C VAL A 626 -6.59 -23.40 17.87
N SER A 627 -5.98 -22.94 16.77
CA SER A 627 -4.54 -23.03 16.62
C SER A 627 -3.77 -22.08 17.56
N ARG A 628 -2.56 -22.50 17.93
CA ARG A 628 -1.64 -21.69 18.77
C ARG A 628 -0.21 -21.86 18.24
N TRP A 629 0.12 -21.10 17.21
CA TRP A 629 1.37 -21.31 16.51
C TRP A 629 2.53 -20.66 17.23
N ARG A 630 2.34 -19.48 17.80
CA ARG A 630 3.45 -18.93 18.58
C ARG A 630 3.63 -19.77 19.85
N ALA A 631 2.57 -20.40 20.32
CA ALA A 631 2.69 -21.30 21.47
C ALA A 631 3.55 -22.50 21.13
N ASP A 632 3.10 -23.32 20.14
CA ASP A 632 3.69 -24.54 19.60
C ASP A 632 5.21 -24.51 19.54
N PRO A 633 5.85 -25.38 20.32
CA PRO A 633 7.31 -25.32 20.49
C PRO A 633 8.11 -25.81 19.30
N TRP A 634 7.49 -26.48 18.33
CA TRP A 634 8.15 -26.93 17.10
C TRP A 634 7.95 -25.96 15.95
N ALA A 635 7.77 -24.69 16.34
CA ALA A 635 7.52 -23.64 15.34
C ALA A 635 7.68 -22.24 15.95
N ARG A 636 7.15 -22.02 17.12
CA ARG A 636 7.40 -20.70 17.73
C ARG A 636 6.98 -19.61 16.76
N GLY A 637 5.93 -19.86 15.99
CA GLY A 637 5.37 -18.90 15.07
C GLY A 637 4.83 -19.59 13.84
N SER A 638 4.60 -18.78 12.79
CA SER A 638 3.86 -19.16 11.59
C SER A 638 4.70 -19.08 10.33
N TYR A 639 5.38 -17.96 10.09
CA TYR A 639 6.35 -17.87 9.01
C TYR A 639 7.18 -16.60 9.17
N SER A 640 8.06 -16.38 8.23
CA SER A 640 8.95 -15.25 8.36
C SER A 640 8.36 -14.03 7.66
N TYR A 641 8.74 -12.87 8.18
CA TYR A 641 8.50 -11.62 7.53
C TYR A 641 9.85 -10.94 7.39
N VAL A 642 9.86 -9.86 6.61
CA VAL A 642 11.08 -9.07 6.51
C VAL A 642 10.94 -7.98 7.56
N ALA A 643 11.66 -8.13 8.65
CA ALA A 643 11.54 -7.14 9.71
C ALA A 643 12.22 -5.86 9.27
N ALA A 644 11.75 -4.74 9.80
CA ALA A 644 12.52 -3.50 9.72
C ALA A 644 13.93 -3.78 10.24
N GLY A 645 14.93 -3.43 9.44
CA GLY A 645 16.31 -3.74 9.76
C GLY A 645 16.85 -4.98 9.07
N SER A 646 15.99 -5.97 8.80
CA SER A 646 16.32 -7.08 7.91
C SER A 646 16.28 -6.59 6.46
N SER A 647 17.04 -7.22 5.59
CA SER A 647 16.77 -7.08 4.19
C SER A 647 16.38 -8.44 3.64
N GLY A 648 16.15 -8.50 2.33
CA GLY A 648 15.99 -9.83 1.80
C GLY A 648 17.25 -10.64 1.84
N ASN A 649 18.37 -10.02 2.16
CA ASN A 649 19.67 -10.65 2.05
C ASN A 649 20.03 -11.45 3.31
N ASP A 650 19.41 -11.16 4.46
CA ASP A 650 19.45 -12.08 5.59
C ASP A 650 18.91 -13.44 5.20
N TYR A 651 17.81 -13.48 4.45
CA TYR A 651 17.29 -14.73 3.88
C TYR A 651 18.36 -15.52 3.14
N ASP A 652 19.39 -14.86 2.62
CA ASP A 652 20.46 -15.56 1.93
C ASP A 652 21.56 -16.04 2.88
N LEU A 653 21.91 -15.24 3.88
CA LEU A 653 22.70 -15.79 4.98
C LEU A 653 22.04 -17.04 5.54
N MET A 654 20.77 -16.93 5.89
CA MET A 654 20.07 -18.08 6.43
C MET A 654 20.50 -19.37 5.75
N ALA A 655 20.60 -19.41 4.43
CA ALA A 655 21.20 -20.58 3.80
C ALA A 655 22.69 -20.96 3.69
N GLN A 656 23.65 -20.01 3.89
CA GLN A 656 25.08 -20.32 3.74
C GLN A 656 25.42 -21.50 4.66
N PRO A 657 25.79 -22.66 4.13
CA PRO A 657 26.14 -23.78 5.01
C PRO A 657 27.39 -23.47 5.81
N ILE A 658 27.51 -24.15 6.98
CA ILE A 658 28.56 -23.91 7.99
C ILE A 658 29.70 -24.91 7.91
N THR A 659 30.93 -24.39 7.86
CA THR A 659 32.13 -25.21 7.77
C THR A 659 32.88 -25.13 9.07
N PRO A 660 33.13 -26.28 9.71
CA PRO A 660 33.77 -26.30 11.02
C PRO A 660 35.26 -26.12 10.89
N GLY A 661 35.89 -25.68 11.99
CA GLY A 661 37.34 -25.58 12.05
C GLY A 661 38.09 -26.90 11.85
N PRO A 662 39.39 -26.84 11.58
CA PRO A 662 40.12 -28.07 11.34
C PRO A 662 40.32 -28.79 12.67
N SER A 663 40.24 -30.12 12.64
CA SER A 663 40.60 -30.90 13.82
C SER A 663 42.05 -30.63 14.16
N ILE A 664 42.96 -31.37 13.51
CA ILE A 664 44.39 -31.34 13.79
C ILE A 664 44.85 -29.97 13.31
N PRO A 665 45.31 -29.04 14.16
CA PRO A 665 45.44 -27.64 13.70
C PRO A 665 46.42 -27.52 12.54
N GLY A 666 46.03 -26.74 11.52
CA GLY A 666 46.74 -26.72 10.25
C GLY A 666 46.48 -27.94 9.40
N ALA A 667 45.24 -28.39 9.34
CA ALA A 667 44.79 -29.43 8.44
C ALA A 667 44.19 -28.79 7.20
N PRO A 668 43.96 -29.56 6.14
CA PRO A 668 43.19 -29.02 5.02
C PRO A 668 41.81 -28.54 5.48
N GLN A 669 41.45 -27.30 5.09
CA GLN A 669 40.11 -26.71 5.22
C GLN A 669 39.02 -27.73 4.91
N PRO A 670 38.16 -28.02 5.87
CA PRO A 670 37.24 -29.14 5.68
C PRO A 670 36.05 -28.75 4.81
N ILE A 671 35.57 -29.75 4.07
CA ILE A 671 34.17 -29.94 3.70
C ILE A 671 33.02 -29.69 4.68
N PRO A 672 31.96 -28.98 4.33
CA PRO A 672 31.13 -28.00 5.04
C PRO A 672 30.17 -29.08 5.53
N ARG A 673 29.84 -29.02 6.83
CA ARG A 673 29.11 -30.13 7.45
C ARG A 673 27.65 -29.82 7.81
N LEU A 674 27.28 -28.56 8.06
CA LEU A 674 25.96 -28.15 8.53
C LEU A 674 25.26 -27.31 7.47
N PHE A 675 24.05 -27.73 7.07
CA PHE A 675 23.29 -27.14 5.98
C PHE A 675 21.91 -26.63 6.44
N PHE A 676 21.36 -25.67 5.70
CA PHE A 676 20.10 -25.05 6.08
C PHE A 676 19.09 -24.99 4.94
N ALA A 677 17.87 -25.42 5.23
CA ALA A 677 16.74 -25.20 4.33
C ALA A 677 15.50 -25.00 5.18
N GLY A 678 14.37 -24.80 4.50
CA GLY A 678 13.18 -24.27 5.15
C GLY A 678 12.70 -22.94 4.58
N GLU A 679 11.40 -22.69 4.72
CA GLU A 679 10.73 -21.42 4.45
C GLU A 679 11.60 -20.18 4.68
N HIS A 680 12.18 -20.04 5.82
CA HIS A 680 13.02 -18.88 6.10
C HIS A 680 14.22 -18.84 5.12
N THR A 681 14.74 -19.90 4.51
CA THR A 681 15.99 -19.83 3.74
C THR A 681 16.04 -19.42 2.27
N ILE A 682 14.92 -19.02 1.67
CA ILE A 682 14.81 -18.87 0.24
C ILE A 682 14.35 -17.44 -0.02
N ARG A 683 15.32 -16.52 -0.26
CA ARG A 683 15.07 -15.10 -0.53
C ARG A 683 13.84 -14.79 -1.36
N ASN A 684 13.69 -15.49 -2.48
CA ASN A 684 12.69 -15.12 -3.45
C ASN A 684 11.37 -15.84 -3.26
N TYR A 685 11.23 -16.70 -2.26
CA TYR A 685 9.93 -17.33 -2.03
C TYR A 685 9.64 -17.56 -0.55
N PRO A 686 9.93 -16.61 0.35
CA PRO A 686 9.71 -16.87 1.77
C PRO A 686 8.28 -17.20 2.12
N ALA A 687 8.11 -17.72 3.30
CA ALA A 687 6.82 -17.90 3.94
C ALA A 687 5.81 -18.64 3.08
N THR A 688 6.24 -19.60 2.27
CA THR A 688 5.30 -20.35 1.45
C THR A 688 5.71 -21.81 1.37
N VAL A 689 4.79 -22.67 0.99
CA VAL A 689 5.13 -24.09 0.82
C VAL A 689 6.02 -24.29 -0.40
N HIS A 690 5.60 -23.84 -1.56
CA HIS A 690 6.47 -23.95 -2.73
C HIS A 690 7.87 -23.42 -2.42
N GLY A 691 7.99 -22.45 -1.52
CA GLY A 691 9.29 -21.88 -1.22
C GLY A 691 10.18 -22.79 -0.39
N ALA A 692 9.59 -23.39 0.65
CA ALA A 692 10.29 -24.41 1.44
C ALA A 692 10.73 -25.56 0.54
N LEU A 693 9.76 -26.26 -0.05
CA LEU A 693 9.96 -27.26 -1.10
C LEU A 693 11.13 -26.90 -2.02
N LEU A 694 11.19 -25.65 -2.46
CA LEU A 694 12.28 -25.34 -3.38
C LEU A 694 13.63 -25.34 -2.65
N SER A 695 13.66 -24.89 -1.39
CA SER A 695 14.91 -24.87 -0.63
C SER A 695 15.38 -26.28 -0.36
N GLY A 696 14.44 -27.18 -0.09
CA GLY A 696 14.79 -28.58 0.06
C GLY A 696 15.44 -29.16 -1.18
N LEU A 697 14.78 -29.00 -2.33
CA LEU A 697 15.40 -29.44 -3.57
C LEU A 697 16.80 -28.87 -3.70
N ARG A 698 16.99 -27.64 -3.21
CA ARG A 698 18.25 -26.92 -3.36
C ARG A 698 19.35 -27.55 -2.55
N GLU A 699 19.18 -27.59 -1.21
CA GLU A 699 20.25 -28.11 -0.38
C GLU A 699 20.62 -29.52 -0.81
N ALA A 700 19.63 -30.38 -1.07
CA ALA A 700 19.92 -31.71 -1.61
C ALA A 700 20.88 -31.61 -2.78
N GLY A 701 20.52 -30.84 -3.80
CA GLY A 701 21.44 -30.61 -4.89
C GLY A 701 22.85 -30.15 -4.51
N ARG A 702 23.00 -29.50 -3.36
CA ARG A 702 24.32 -29.01 -3.01
C ARG A 702 25.10 -30.02 -2.18
N ILE A 703 24.39 -30.72 -1.30
CA ILE A 703 24.96 -31.81 -0.52
C ILE A 703 25.44 -32.90 -1.46
N ALA A 704 24.59 -33.31 -2.39
CA ALA A 704 25.01 -34.27 -3.42
C ALA A 704 26.26 -33.81 -4.13
N ASP A 705 26.33 -32.53 -4.47
CA ASP A 705 27.54 -32.02 -5.09
C ASP A 705 28.74 -32.13 -4.14
N GLN A 706 28.52 -32.04 -2.83
CA GLN A 706 29.64 -32.06 -1.90
C GLN A 706 30.18 -33.46 -1.69
N PHE A 707 29.30 -34.45 -1.60
CA PHE A 707 29.71 -35.78 -1.18
C PHE A 707 29.66 -36.81 -2.28
N LEU A 708 28.84 -36.60 -3.29
CA LEU A 708 28.87 -37.46 -4.46
C LEU A 708 29.68 -36.86 -5.60
N GLY A 709 30.29 -35.69 -5.38
CA GLY A 709 31.06 -35.00 -6.41
C GLY A 709 31.07 -34.08 -7.62
N ALA A 710 29.89 -33.79 -8.16
CA ALA A 710 29.80 -32.99 -9.38
C ALA A 710 30.55 -33.33 -10.66
N MET A 711 30.15 -34.44 -11.31
CA MET A 711 30.81 -34.89 -12.54
C MET A 711 30.41 -34.07 -13.76
N TYR A 712 29.31 -33.30 -13.67
CA TYR A 712 28.70 -32.57 -14.79
C TYR A 712 29.33 -31.17 -15.06
N THR A 713 30.62 -30.99 -14.81
CA THR A 713 31.22 -29.66 -14.96
C THR A 713 32.51 -29.65 -15.79
N LEU A 714 32.85 -30.75 -16.47
CA LEU A 714 34.03 -30.80 -17.37
C LEU A 714 33.70 -30.27 -18.77
N ARG B 4 7.53 7.82 -10.00
CA ARG B 4 8.04 9.17 -10.29
C ARG B 4 7.28 10.29 -9.55
N LYS B 5 5.99 10.09 -9.33
CA LYS B 5 5.13 11.09 -8.70
C LYS B 5 4.16 10.35 -7.79
N PRO B 6 3.71 10.97 -6.71
CA PRO B 6 2.80 10.28 -5.78
C PRO B 6 1.51 9.93 -6.49
N PRO B 7 0.78 8.93 -6.01
CA PRO B 7 -0.53 8.62 -6.61
C PRO B 7 -1.42 9.84 -6.51
N LYS B 8 -1.90 10.32 -7.67
CA LYS B 8 -2.56 11.62 -7.74
C LYS B 8 -3.74 11.68 -6.77
N GLY B 9 -3.79 12.77 -5.98
CA GLY B 9 -4.66 12.88 -4.84
C GLY B 9 -3.98 12.71 -3.49
N MET B 10 -2.74 12.22 -3.48
CA MET B 10 -1.98 12.07 -2.26
C MET B 10 -0.96 13.20 -2.21
N PHE B 11 -0.86 13.88 -1.10
CA PHE B 11 0.00 15.04 -1.00
C PHE B 11 1.17 14.65 -0.13
N LEU B 12 2.31 14.44 -0.78
CA LEU B 12 3.55 14.03 -0.11
C LEU B 12 4.62 14.94 -0.66
N SER B 13 4.91 16.03 0.03
CA SER B 13 6.02 16.87 -0.35
C SER B 13 7.17 16.62 0.61
N GLN B 14 8.39 16.74 0.09
CA GLN B 14 9.58 16.61 0.92
C GLN B 14 9.45 17.43 2.19
N GLU B 15 9.15 18.72 2.03
CA GLU B 15 9.00 19.64 3.15
C GLU B 15 7.90 19.17 4.11
N ASP B 16 6.73 18.79 3.57
CA ASP B 16 5.63 18.30 4.39
C ASP B 16 6.08 17.22 5.34
N VAL B 17 6.90 16.29 4.84
CA VAL B 17 7.16 15.05 5.57
C VAL B 17 7.99 15.30 6.82
N GLU B 18 9.03 16.14 6.69
CA GLU B 18 9.93 16.39 7.81
C GLU B 18 9.24 17.09 8.96
N ALA B 19 8.09 17.74 8.70
CA ALA B 19 7.36 18.47 9.73
C ALA B 19 6.47 17.57 10.57
N VAL B 20 6.01 16.45 10.00
CA VAL B 20 5.21 15.50 10.76
C VAL B 20 6.07 14.46 11.46
N SER B 21 7.38 14.42 11.16
CA SER B 21 8.32 13.47 11.74
C SER B 21 9.38 14.13 12.62
N ALA B 22 9.32 15.45 12.83
CA ALA B 22 10.34 16.14 13.60
C ALA B 22 10.37 15.71 15.06
N ASN B 23 9.28 15.17 15.60
CA ASN B 23 9.31 14.50 16.89
C ASN B 23 8.10 13.56 16.98
N ALA B 24 7.72 13.18 18.21
CA ALA B 24 6.65 12.20 18.39
C ALA B 24 5.27 12.82 18.16
N THR B 25 5.02 13.99 18.74
CA THR B 25 3.75 14.69 18.58
C THR B 25 3.78 15.80 17.53
N ALA B 26 4.91 16.01 16.83
CA ALA B 26 4.95 16.94 15.71
C ALA B 26 3.90 16.62 14.66
N ALA B 27 3.42 15.38 14.62
CA ALA B 27 2.20 15.07 13.90
C ALA B 27 1.02 15.80 14.52
N THR B 28 0.68 15.45 15.77
CA THR B 28 -0.49 16.02 16.43
C THR B 28 -0.35 17.53 16.67
N THR B 29 0.88 18.05 16.70
CA THR B 29 1.06 19.50 16.71
C THR B 29 0.48 20.12 15.44
N VAL B 30 1.03 19.75 14.28
CA VAL B 30 0.71 20.43 13.03
C VAL B 30 -0.79 20.40 12.74
N LEU B 31 -1.51 19.38 13.21
CA LEU B 31 -2.94 19.29 12.94
C LEU B 31 -3.80 19.95 14.02
N ARG B 32 -3.20 20.70 14.94
CA ARG B 32 -3.93 21.65 15.79
C ARG B 32 -3.69 23.09 15.37
N GLN B 33 -2.45 23.45 15.02
CA GLN B 33 -2.20 24.77 14.45
C GLN B 33 -2.86 24.94 13.10
N LEU B 34 -3.33 23.85 12.49
CA LEU B 34 -4.31 23.94 11.42
C LEU B 34 -5.72 23.98 11.99
N ASP B 35 -6.11 22.96 12.76
CA ASP B 35 -7.47 22.91 13.31
C ASP B 35 -7.93 24.22 13.96
N MET B 36 -6.99 24.91 14.57
CA MET B 36 -7.39 26.16 15.24
C MET B 36 -7.36 27.15 14.09
N GLU B 37 -6.24 27.16 13.38
CA GLU B 37 -6.13 28.17 12.31
C GLU B 37 -7.55 28.30 11.79
N LEU B 38 -8.09 27.19 11.31
CA LEU B 38 -9.46 27.33 10.79
C LEU B 38 -10.41 28.01 11.75
N VAL B 39 -10.59 27.44 12.92
CA VAL B 39 -11.60 28.08 13.75
C VAL B 39 -11.38 29.58 13.79
N SER B 40 -10.12 30.01 13.63
CA SER B 40 -9.79 31.44 13.64
C SER B 40 -10.36 32.18 12.42
N VAL B 41 -10.07 31.68 11.22
CA VAL B 41 -10.64 32.34 10.04
C VAL B 41 -12.15 32.20 10.04
N LYS B 42 -12.66 31.10 10.54
CA LYS B 42 -14.11 30.95 10.57
C LYS B 42 -14.75 32.06 11.39
N ARG B 43 -14.19 32.34 12.58
CA ARG B 43 -14.63 33.49 13.39
C ARG B 43 -14.65 34.78 12.57
N GLN B 44 -13.48 35.20 12.11
CA GLN B 44 -13.32 36.42 11.33
C GLN B 44 -14.28 36.50 10.14
N ILE B 45 -14.83 35.37 9.68
CA ILE B 45 -15.90 35.42 8.69
C ILE B 45 -17.17 35.97 9.32
N GLN B 46 -17.72 35.29 10.33
CA GLN B 46 -18.97 35.75 10.91
C GLN B 46 -18.90 37.18 11.44
N ASN B 47 -17.71 37.66 11.81
CA ASN B 47 -17.52 39.06 12.16
C ASN B 47 -17.83 39.96 10.96
N ILE B 48 -16.99 39.92 9.93
CA ILE B 48 -17.20 40.70 8.70
C ILE B 48 -18.51 40.37 7.98
N LYS B 49 -19.05 39.16 8.16
CA LYS B 49 -20.34 38.83 7.58
C LYS B 49 -21.45 39.60 8.28
N GLN B 50 -21.14 40.17 9.45
CA GLN B 50 -22.04 40.97 10.27
C GLN B 50 -21.83 42.47 10.08
N THR B 51 -20.59 42.92 10.19
CA THR B 51 -20.18 44.27 9.81
C THR B 51 -20.79 44.61 8.45
N ASN B 52 -20.77 43.65 7.52
CA ASN B 52 -21.38 43.85 6.22
C ASN B 52 -22.89 43.69 6.23
N SER B 53 -23.46 43.07 7.25
CA SER B 53 -24.92 43.02 7.28
C SER B 53 -25.50 44.35 7.74
N ALA B 54 -24.80 45.06 8.64
CA ALA B 54 -25.24 46.37 9.09
C ALA B 54 -25.02 47.44 8.03
N LEU B 55 -23.85 47.43 7.39
CA LEU B 55 -23.63 48.32 6.25
C LEU B 55 -24.62 48.07 5.12
N LYS B 56 -25.07 46.82 4.96
CA LYS B 56 -26.04 46.54 3.90
C LYS B 56 -27.37 47.22 4.20
N GLU B 57 -27.71 47.40 5.47
CA GLU B 57 -29.00 47.96 5.82
C GLU B 57 -29.01 49.49 5.85
N LYS B 58 -27.86 50.13 6.09
CA LYS B 58 -27.77 51.58 5.94
C LYS B 58 -28.00 52.03 4.51
N LEU B 59 -27.75 51.13 3.57
CA LEU B 59 -27.95 51.50 2.16
C LEU B 59 -29.39 51.21 1.78
N ASP B 60 -30.24 50.99 2.76
CA ASP B 60 -31.66 50.81 2.45
C ASP B 60 -32.23 52.02 1.71
N GLY B 61 -33.11 51.72 0.75
CA GLY B 61 -33.64 52.72 -0.15
C GLY B 61 -32.80 52.93 -1.38
N GLY B 62 -31.50 52.72 -1.26
CA GLY B 62 -30.64 53.02 -2.42
C GLY B 62 -30.76 54.49 -2.74
N ILE B 63 -30.12 54.92 -3.82
CA ILE B 63 -30.20 56.33 -4.24
C ILE B 63 -31.35 56.42 -5.22
N GLU B 64 -32.57 56.39 -4.72
CA GLU B 64 -33.72 56.58 -5.64
C GLU B 64 -34.82 57.50 -5.14
N PRO B 65 -34.54 58.38 -4.18
CA PRO B 65 -35.53 59.31 -3.76
C PRO B 65 -34.51 60.44 -3.93
N TYR B 66 -33.46 60.18 -4.70
CA TYR B 66 -32.38 61.14 -4.84
C TYR B 66 -31.98 61.31 -6.29
N ARG B 67 -32.66 60.67 -7.23
CA ARG B 67 -32.31 60.88 -8.62
C ARG B 67 -33.07 62.04 -9.23
N LEU B 68 -32.44 62.65 -10.23
CA LEU B 68 -33.07 63.66 -11.06
C LEU B 68 -33.19 63.13 -12.47
N PRO B 69 -34.36 63.28 -13.11
CA PRO B 69 -34.56 62.78 -14.47
C PRO B 69 -33.58 63.34 -15.49
N GLU B 70 -33.67 62.83 -16.73
CA GLU B 70 -32.67 63.05 -17.77
C GLU B 70 -32.99 64.32 -18.56
N VAL B 71 -31.98 65.19 -18.68
CA VAL B 71 -32.12 66.43 -19.48
C VAL B 71 -31.66 66.07 -20.89
N ILE B 72 -32.59 65.52 -21.67
CA ILE B 72 -32.25 65.01 -22.99
C ILE B 72 -32.33 66.16 -23.97
N GLN B 73 -31.52 67.20 -23.79
CA GLN B 73 -31.68 68.43 -24.54
C GLN B 73 -30.72 68.46 -25.73
N LYS B 74 -31.26 68.84 -26.89
CA LYS B 74 -30.58 68.62 -28.16
C LYS B 74 -29.44 69.60 -28.33
N CYS B 75 -28.31 69.09 -28.81
CA CYS B 75 -27.04 69.81 -28.81
C CYS B 75 -27.05 70.90 -29.89
N ASN B 76 -26.87 72.16 -29.49
CA ASN B 76 -27.00 73.30 -30.39
C ASN B 76 -25.62 73.75 -30.90
N ALA B 77 -25.55 74.98 -31.43
CA ALA B 77 -24.37 75.46 -32.13
C ALA B 77 -23.98 76.85 -31.67
N ARG B 78 -24.96 77.75 -31.53
CA ARG B 78 -24.73 79.13 -31.12
C ARG B 78 -24.38 79.21 -29.64
N TRP B 79 -23.56 80.22 -29.30
CA TRP B 79 -23.17 80.51 -27.92
C TRP B 79 -24.01 81.65 -27.35
N THR B 80 -25.20 81.33 -26.83
CA THR B 80 -26.05 82.37 -26.27
C THR B 80 -25.32 83.09 -25.14
N THR B 81 -25.51 84.41 -25.06
CA THR B 81 -24.84 85.20 -24.05
C THR B 81 -25.03 84.60 -22.66
N GLU B 82 -26.16 83.91 -22.45
CA GLU B 82 -26.32 83.15 -21.22
C GLU B 82 -25.36 81.97 -21.16
N GLU B 83 -25.37 81.11 -22.19
CA GLU B 83 -24.56 79.90 -22.18
C GLU B 83 -23.09 80.24 -22.02
N GLN B 84 -22.67 81.38 -22.53
CA GLN B 84 -21.30 81.84 -22.32
C GLN B 84 -21.00 81.98 -20.82
N LEU B 85 -21.95 82.55 -20.08
CA LEU B 85 -21.69 82.91 -18.68
C LEU B 85 -21.69 81.68 -17.81
N LEU B 86 -22.61 80.75 -18.07
CA LEU B 86 -22.54 79.44 -17.43
C LEU B 86 -21.20 78.77 -17.70
N ALA B 87 -20.65 78.94 -18.91
CA ALA B 87 -19.36 78.35 -19.25
C ALA B 87 -18.24 78.93 -18.41
N VAL B 88 -18.13 80.26 -18.38
CA VAL B 88 -17.02 80.89 -17.67
C VAL B 88 -17.01 80.47 -16.21
N GLN B 89 -18.20 80.32 -15.61
CA GLN B 89 -18.20 79.81 -14.25
C GLN B 89 -17.90 78.32 -14.25
N ALA B 90 -18.38 77.61 -15.26
CA ALA B 90 -18.08 76.18 -15.35
C ALA B 90 -16.58 75.94 -15.33
N ILE B 91 -15.82 76.83 -15.95
CA ILE B 91 -14.37 76.70 -15.89
C ILE B 91 -13.85 77.01 -14.50
N ARG B 92 -14.32 78.12 -13.90
CA ARG B 92 -13.84 78.48 -12.56
C ARG B 92 -14.11 77.39 -11.53
N LYS B 93 -15.16 76.58 -11.73
CA LYS B 93 -15.50 75.51 -10.81
C LYS B 93 -15.01 74.15 -11.27
N TYR B 94 -14.62 74.00 -12.52
CA TYR B 94 -14.31 72.67 -13.06
C TYR B 94 -12.97 72.56 -13.78
N GLY B 95 -12.38 73.68 -14.25
CA GLY B 95 -11.03 73.71 -14.77
C GLY B 95 -10.89 73.21 -16.20
N ARG B 96 -10.46 71.95 -16.34
CA ARG B 96 -10.36 71.35 -17.65
C ARG B 96 -11.30 70.18 -17.85
N ASP B 97 -11.96 69.67 -16.80
CA ASP B 97 -12.89 68.57 -16.95
C ASP B 97 -13.73 69.26 -18.02
N PHE B 98 -13.79 68.65 -19.20
CA PHE B 98 -14.40 69.30 -20.35
C PHE B 98 -15.75 68.61 -20.41
N GLN B 99 -15.87 67.45 -19.74
CA GLN B 99 -17.14 66.72 -19.73
C GLN B 99 -18.15 67.44 -18.84
N ALA B 100 -17.74 67.78 -17.61
CA ALA B 100 -18.63 68.50 -16.70
C ALA B 100 -19.10 69.82 -17.32
N ILE B 101 -18.17 70.60 -17.85
CA ILE B 101 -18.58 71.85 -18.48
C ILE B 101 -19.65 71.60 -19.53
N SER B 102 -19.51 70.53 -20.30
CA SER B 102 -20.50 70.26 -21.32
C SER B 102 -21.79 69.64 -20.77
N ASP B 103 -21.78 69.13 -19.54
CA ASP B 103 -23.04 68.70 -18.95
C ASP B 103 -23.73 69.85 -18.22
N VAL B 104 -22.95 70.83 -17.74
CA VAL B 104 -23.54 72.01 -17.12
C VAL B 104 -24.28 72.84 -18.17
N ILE B 105 -23.61 73.13 -19.29
CA ILE B 105 -24.26 73.93 -20.32
C ILE B 105 -25.35 73.13 -21.01
N GLY B 106 -25.26 71.82 -21.04
CA GLY B 106 -26.37 70.98 -21.44
C GLY B 106 -26.57 70.81 -22.94
N ASN B 107 -26.43 71.89 -23.70
CA ASN B 107 -26.56 71.86 -25.15
C ASN B 107 -25.28 72.36 -25.82
N LYS B 108 -24.14 71.95 -25.31
CA LYS B 108 -22.87 72.19 -26.00
C LYS B 108 -22.03 70.94 -25.90
N SER B 109 -21.75 70.34 -27.05
CA SER B 109 -20.86 69.18 -27.16
C SER B 109 -19.49 69.52 -26.60
N VAL B 110 -18.80 68.47 -26.14
CA VAL B 110 -17.50 68.67 -25.50
C VAL B 110 -16.55 69.39 -26.45
N VAL B 111 -16.72 69.21 -27.75
CA VAL B 111 -15.82 69.83 -28.71
C VAL B 111 -16.14 71.31 -28.93
N GLN B 112 -17.42 71.69 -28.88
CA GLN B 112 -17.73 73.11 -28.88
C GLN B 112 -17.09 73.78 -27.68
N VAL B 113 -16.89 73.03 -26.59
CA VAL B 113 -16.21 73.53 -25.41
C VAL B 113 -14.74 73.84 -25.70
N LYS B 114 -14.14 73.17 -26.67
CA LYS B 114 -12.75 73.50 -26.99
C LYS B 114 -12.68 74.83 -27.70
N ASN B 115 -13.42 74.93 -28.81
CA ASN B 115 -13.47 76.17 -29.59
C ASN B 115 -13.72 77.36 -28.68
N PHE B 116 -14.60 77.17 -27.70
CA PHE B 116 -14.83 78.18 -26.68
C PHE B 116 -13.54 78.51 -25.95
N PHE B 117 -12.85 77.48 -25.44
CA PHE B 117 -11.63 77.69 -24.69
C PHE B 117 -10.61 78.54 -25.44
N VAL B 118 -10.67 78.54 -26.77
CA VAL B 118 -9.65 79.18 -27.59
C VAL B 118 -10.19 80.46 -28.23
N ASN B 119 -11.32 80.36 -28.96
CA ASN B 119 -11.90 81.54 -29.61
C ASN B 119 -12.09 82.70 -28.65
N TYR B 120 -12.65 82.40 -27.48
CA TYR B 120 -12.96 83.46 -26.54
C TYR B 120 -11.81 83.74 -25.58
N ARG B 121 -11.12 82.71 -25.14
CA ARG B 121 -10.03 82.89 -24.16
C ARG B 121 -9.86 84.34 -23.74
N ARG B 122 -8.85 84.96 -24.30
CA ARG B 122 -8.54 86.35 -23.93
C ARG B 122 -9.71 87.24 -23.54
N ARG B 123 -10.84 87.08 -24.22
CA ARG B 123 -11.91 88.04 -23.96
C ARG B 123 -12.53 87.66 -22.63
N PHE B 124 -12.50 86.37 -22.30
CA PHE B 124 -12.96 85.89 -21.00
C PHE B 124 -11.80 85.50 -20.09
N ASN B 125 -10.61 86.03 -20.36
CA ASN B 125 -9.43 85.84 -19.51
C ASN B 125 -9.32 84.39 -19.04
N ILE B 126 -9.66 83.44 -19.91
CA ILE B 126 -9.77 82.03 -19.56
C ILE B 126 -8.45 81.54 -18.96
N ASP B 127 -7.37 82.28 -19.22
CA ASP B 127 -6.11 82.00 -18.53
C ASP B 127 -6.22 82.29 -17.04
N GLU B 128 -6.48 83.56 -16.67
CA GLU B 128 -6.63 83.93 -15.27
C GLU B 128 -7.61 83.02 -14.57
N VAL B 129 -8.77 82.81 -15.21
CA VAL B 129 -9.80 81.98 -14.61
C VAL B 129 -9.27 80.59 -14.31
N LEU B 130 -8.55 80.02 -15.28
CA LEU B 130 -8.06 78.66 -15.13
C LEU B 130 -7.00 78.56 -14.04
N GLN B 131 -6.06 79.51 -14.00
CA GLN B 131 -5.00 79.42 -13.00
C GLN B 131 -5.56 79.49 -11.58
N GLU B 132 -6.69 80.18 -11.40
CA GLU B 132 -7.26 80.24 -10.06
C GLU B 132 -8.02 78.98 -9.69
N TRP B 133 -8.57 78.28 -10.69
CA TRP B 133 -9.12 76.95 -10.39
C TRP B 133 -8.04 76.04 -9.83
N GLU B 134 -6.79 76.24 -10.26
CA GLU B 134 -5.69 75.45 -9.72
C GLU B 134 -5.34 75.85 -8.28
N ALA B 135 -5.59 77.09 -7.92
CA ALA B 135 -5.37 77.44 -6.51
C ALA B 135 -6.68 76.73 -6.18
N GLU B 136 -6.59 75.55 -5.57
CA GLU B 136 -7.82 74.75 -5.31
C GLU B 136 -7.88 73.33 -5.85
#